data_9OCJ
#
_entry.id   9OCJ
#
_cell.length_a   1.00
_cell.length_b   1.00
_cell.length_c   1.00
_cell.angle_alpha   90.00
_cell.angle_beta   90.00
_cell.angle_gamma   90.00
#
_symmetry.space_group_name_H-M   'P 1'
#
loop_
_entity.id
_entity.type
_entity.pdbx_description
1 polymer 'Antigen peptide transporter 2'
2 polymer 'TAP transporter inhibitor CPXV012'
3 polymer 'Antigen peptide transporter 1'
4 non-polymer "ADENOSINE-5'-TRIPHOSPHATE"
5 non-polymer 'MAGNESIUM ION'
#
loop_
_entity_poly.entity_id
_entity_poly.type
_entity_poly.pdbx_seq_one_letter_code
_entity_poly.pdbx_strand_id
1 'polypeptide(L)'
;MRLPDLRPWTSLLLVDAALLWLLQGPLGTLLPQGLPGLWLEGTLRLGGLWGLLKLRGLLGFVGTLLLPLCLATPLTVSLR
ALVAGASRAPPARVASAPWSWLLVGYGAAGLSWSLWAVLSPPGAQEKEQDQVNNKVLMWRLLKLSRPDLPLLVAAFFFLV
LAVLGETLIPHYSGRVIDILGGDFDPHAFASAIFFMCLFSFGSSLSAGCRGGCFTYTMSRINLRIREQLFSSLLRQDLGF
FQETKTGELNSRLSSDTTLMSNWLPLNANVLLRSLVKVVGLYGFMLSISPRLTLLSLLHMPFTIAAEKVYNTRHQEVLRE
IQDAVARAGQVVREAVGGLQTVRSFGAEEHEVCRYKEALEQCRQLYWRRDLERALYLLVRRVLHLGVQMLMLSCGLQQMQ
DGELTQGSLLSFMIYQESVGSYVQTLVYIYGDMLSNVGAAEKVFSYMDRQPNLPSPGTLAPTTLQGVVKFQDVSFAYPNR
PDRPVLKGLTFTLRPGEVTALVGPNGSGKSTVAALLQNLYQPTGGQVLLDEKPISQYEHCYLHSQVVSVGQEPVLFSGSV
RNNIAYGLQSCEDDKVMAAAQAAHADDFIQEMEHGIYTDVGEKGSQLAAGQKQRLAIARALVRDPRVLILDQATSALDVQ
CEQALQDWNSRGDRTVLVIAHRLQTVQRAHQILVLQEGKLQKLAQL
;
B
2 'polypeptide(L)'
;GPTAAAAMGRGVPHIVMVDAYKRYKGGGSGGSGGGENLYFQGSGSSGGGSSGSGGFIMRESIYRVMIVILYLSLISSFLV
ICSMEHGYFQEGISRFKICPYHWYKQHMSLLFRRYYHKLDSII
;
D
3 'polypeptide(L)'
;MASSRCPAPRGCRCLPGASLAWLGTVLLLLADWVLLRTALPRIFSLLVPTALPLLRVWAVGLSRWAVLWLGACGVLRATV
GSKSENAGAQGWLAALKPLAAALGLALPGLALFRELISWGAPGSADSTRLLHWGSHPTAFVVSYAAALPAAALWHKLGSL
WVPGGQGGSGNPVRRLLGCLGSETRRLSLFLVLVVLSSLGEMAIPFFTGRLTDWILQDGSADTFTRNLTLMSILTIASAV
LEFVGDGIYNNTMGHVHSHLQGEVFGAVLRQETEFFQQNQTGNIMSRVTEDTSTLSDSLSENLSLFLWYLVRGLCLLGIM
LWGSVSLTMVTLITLPLLFLLPKKVGKWYQLLEVQVRESLAKSSQVAIEALSAMPTVRSFANEEGEAQKFREKLQEIKTL
NQKEAVAYAVNSWTTSISGMLLKVGILYIGGQLVTSGAVSSGNLVTFVLYQMQFTQAVEVLLSIYPRVQKAVGSSEKIFE
YLDRTPRCPPSGLLTPLHLEGLVQFQDVSFAYPNRPDVLVLQGLTFTLRPGEVTALVGPNGSGKSTVAALLQNLYQPTGG
QLLLDGKPLPQYEHRYLHRQVAAVGQEPQVFGRSLQENIAYGLTQKPTMEEITAAAVKSGAHSFISGLPQGYDTEVDEAG
SQLSGGQRQAVALARALIRKPCVLILDDATSALDANSQLQVEQLLYESPERYSRSVLLITQHLSLVEQADHILFLEGGAI
REGGTHQQLMEKKGCYWAMVQAPADAPEGGGSGGSGGGENLYFQGSGSSGGGSSGSGGAMVTTLSGLSGEQGPSGDMTTE
EDSATHIKFSKRDEDGRELAGATMELRDSSGKTISTWISDGHVKDFYLYPGKYTFVETAAPDGYEVATPIEFTVNEDGQV
TVDGEATEGDAHTSGGGHHHHHHHHHH
;
A
#
loop_
_chem_comp.id
_chem_comp.type
_chem_comp.name
_chem_comp.formula
ATP non-polymer ADENOSINE-5'-TRIPHOSPHATE 'C10 H16 N5 O13 P3'
MG non-polymer 'MAGNESIUM ION' 'Mg 2'
#
# COMPACT_ATOMS: atom_id res chain seq x y z
N ASN A 133 20.86 -15.48 -14.86
CA ASN A 133 20.60 -14.29 -14.06
C ASN A 133 19.76 -14.62 -12.83
N ASN A 134 18.63 -15.27 -13.06
CA ASN A 134 17.73 -15.62 -11.97
C ASN A 134 18.36 -16.59 -10.98
N LYS A 135 19.39 -17.33 -11.39
CA LYS A 135 20.05 -18.23 -10.46
C LYS A 135 20.72 -17.47 -9.32
N VAL A 136 21.31 -16.31 -9.63
CA VAL A 136 21.96 -15.51 -8.59
C VAL A 136 20.94 -15.01 -7.58
N LEU A 137 19.78 -14.53 -8.07
CA LEU A 137 18.74 -14.07 -7.16
C LEU A 137 18.19 -15.21 -6.32
N MET A 138 18.03 -16.39 -6.93
CA MET A 138 17.58 -17.56 -6.19
C MET A 138 18.58 -17.93 -5.11
N TRP A 139 19.87 -17.86 -5.43
CA TRP A 139 20.90 -18.15 -4.44
C TRP A 139 20.89 -17.12 -3.31
N ARG A 140 20.62 -15.86 -3.63
CA ARG A 140 20.51 -14.85 -2.59
C ARG A 140 19.34 -15.14 -1.66
N LEU A 141 18.20 -15.53 -2.24
CA LEU A 141 17.05 -15.90 -1.41
C LEU A 141 17.38 -17.10 -0.54
N LEU A 142 18.11 -18.07 -1.08
CA LEU A 142 18.54 -19.21 -0.27
C LEU A 142 19.44 -18.77 0.87
N LYS A 143 20.36 -17.84 0.59
CA LYS A 143 21.22 -17.30 1.64
C LYS A 143 20.41 -16.63 2.72
N LEU A 144 19.32 -15.96 2.35
CA LEU A 144 18.53 -15.24 3.34
C LEU A 144 17.75 -16.18 4.25
N SER A 145 17.41 -17.39 3.76
CA SER A 145 16.51 -18.27 4.49
C SER A 145 17.22 -19.12 5.54
N ARG A 146 18.50 -18.88 5.81
CA ARG A 146 19.21 -19.65 6.83
C ARG A 146 18.56 -19.63 8.20
N PRO A 147 18.07 -18.50 8.74
CA PRO A 147 17.47 -18.54 10.09
C PRO A 147 16.21 -19.38 10.18
N ASP A 148 15.69 -19.91 9.08
CA ASP A 148 14.50 -20.76 9.10
C ASP A 148 14.81 -22.24 8.93
N LEU A 149 16.09 -22.62 8.98
CA LEU A 149 16.46 -24.02 8.74
C LEU A 149 15.86 -25.01 9.74
N PRO A 150 15.88 -24.77 11.06
CA PRO A 150 15.32 -25.77 11.99
C PRO A 150 13.84 -26.05 11.77
N LEU A 151 13.11 -25.15 11.13
CA LEU A 151 11.71 -25.38 10.77
C LEU A 151 11.57 -26.01 9.40
N LEU A 152 12.41 -25.62 8.45
CA LEU A 152 12.36 -26.21 7.11
C LEU A 152 12.70 -27.69 7.16
N VAL A 153 13.63 -28.10 8.02
CA VAL A 153 13.98 -29.51 8.12
C VAL A 153 12.78 -30.33 8.57
N ALA A 154 12.04 -29.84 9.57
CA ALA A 154 10.84 -30.55 10.02
C ALA A 154 9.77 -30.53 8.94
N ALA A 155 9.66 -29.43 8.20
CA ALA A 155 8.68 -29.38 7.10
C ALA A 155 8.98 -30.45 6.06
N PHE A 156 10.26 -30.59 5.68
CA PHE A 156 10.63 -31.62 4.71
C PHE A 156 10.43 -33.02 5.27
N PHE A 157 10.69 -33.22 6.56
CA PHE A 157 10.46 -34.52 7.18
C PHE A 157 8.99 -34.92 7.11
N PHE A 158 8.10 -33.98 7.46
CA PHE A 158 6.67 -34.24 7.36
C PHE A 158 6.25 -34.45 5.92
N LEU A 159 6.85 -33.72 4.98
CA LEU A 159 6.57 -33.94 3.56
C LEU A 159 6.92 -35.36 3.16
N VAL A 160 8.07 -35.86 3.59
CA VAL A 160 8.49 -37.22 3.26
C VAL A 160 7.51 -38.23 3.84
N LEU A 161 7.13 -38.04 5.11
CA LEU A 161 6.17 -38.97 5.72
C LEU A 161 4.84 -38.96 4.99
N ALA A 162 4.32 -37.78 4.64
CA ALA A 162 3.04 -37.72 3.95
C ALA A 162 3.11 -38.36 2.57
N VAL A 163 4.20 -38.13 1.85
CA VAL A 163 4.31 -38.69 0.51
C VAL A 163 4.46 -40.22 0.59
N LEU A 164 5.11 -40.73 1.63
CA LEU A 164 5.14 -42.17 1.83
C LEU A 164 3.74 -42.71 2.13
N GLY A 165 3.02 -42.01 3.02
CA GLY A 165 1.71 -42.52 3.44
C GLY A 165 0.69 -42.50 2.32
N GLU A 166 0.76 -41.53 1.43
CA GLU A 166 -0.28 -41.38 0.41
C GLU A 166 -0.30 -42.56 -0.56
N THR A 167 0.87 -43.16 -0.82
CA THR A 167 0.97 -44.22 -1.81
C THR A 167 0.28 -45.51 -1.41
N LEU A 168 0.03 -45.73 -0.11
CA LEU A 168 -0.42 -47.03 0.34
C LEU A 168 -1.93 -47.13 0.54
N ILE A 169 -2.66 -46.01 0.47
CA ILE A 169 -4.12 -46.07 0.57
C ILE A 169 -4.74 -46.84 -0.60
N PRO A 170 -4.40 -46.57 -1.87
CA PRO A 170 -5.06 -47.32 -2.96
C PRO A 170 -4.83 -48.82 -2.90
N HIS A 171 -3.70 -49.27 -2.35
CA HIS A 171 -3.47 -50.71 -2.20
C HIS A 171 -4.58 -51.35 -1.36
N TYR A 172 -4.87 -50.76 -0.20
CA TYR A 172 -5.89 -51.35 0.67
C TYR A 172 -7.28 -51.06 0.14
N SER A 173 -7.46 -49.96 -0.59
CA SER A 173 -8.72 -49.75 -1.29
C SER A 173 -9.00 -50.90 -2.25
N GLY A 174 -7.99 -51.30 -3.03
CA GLY A 174 -8.15 -52.44 -3.92
C GLY A 174 -8.34 -53.75 -3.18
N ARG A 175 -7.63 -53.93 -2.07
CA ARG A 175 -7.74 -55.15 -1.26
C ARG A 175 -9.05 -55.22 -0.49
N VAL A 176 -9.82 -54.13 -0.46
CA VAL A 176 -11.16 -54.13 0.14
C VAL A 176 -12.25 -54.27 -0.92
N ILE A 177 -12.07 -53.62 -2.07
CA ILE A 177 -13.11 -53.65 -3.10
C ILE A 177 -13.28 -55.07 -3.63
N ASP A 178 -12.20 -55.85 -3.71
CA ASP A 178 -12.30 -57.23 -4.17
C ASP A 178 -12.90 -58.15 -3.11
N ILE A 179 -12.64 -57.89 -1.83
CA ILE A 179 -13.34 -58.61 -0.77
C ILE A 179 -14.84 -58.36 -0.87
N LEU A 180 -15.23 -57.12 -1.19
CA LEU A 180 -16.63 -56.88 -1.51
C LEU A 180 -17.07 -57.65 -2.74
N GLY A 181 -16.21 -57.74 -3.75
CA GLY A 181 -16.56 -58.49 -4.96
C GLY A 181 -16.70 -59.98 -4.71
N GLY A 182 -15.76 -60.57 -3.98
CA GLY A 182 -15.71 -62.01 -3.77
C GLY A 182 -16.44 -62.45 -2.52
N ASP A 183 -16.02 -63.60 -1.99
CA ASP A 183 -16.60 -64.12 -0.76
C ASP A 183 -16.34 -63.14 0.38
N PHE A 184 -17.34 -62.96 1.25
CA PHE A 184 -17.30 -61.84 2.19
C PHE A 184 -16.22 -62.05 3.25
N ASP A 185 -16.36 -63.09 4.09
CA ASP A 185 -15.40 -63.39 5.15
C ASP A 185 -15.21 -62.16 6.04
N PRO A 186 -16.16 -61.84 6.91
CA PRO A 186 -16.14 -60.55 7.63
C PRO A 186 -14.82 -60.22 8.33
N HIS A 187 -14.09 -61.23 8.82
CA HIS A 187 -12.85 -60.95 9.53
C HIS A 187 -11.83 -60.27 8.63
N ALA A 188 -11.66 -60.78 7.41
CA ALA A 188 -10.73 -60.16 6.46
C ALA A 188 -11.16 -58.75 6.12
N PHE A 189 -12.46 -58.55 5.91
CA PHE A 189 -13.00 -57.23 5.61
C PHE A 189 -12.65 -56.23 6.71
N ALA A 190 -12.93 -56.60 7.97
CA ALA A 190 -12.65 -55.69 9.08
C ALA A 190 -11.16 -55.44 9.23
N SER A 191 -10.34 -56.48 9.07
CA SER A 191 -8.89 -56.30 9.24
C SER A 191 -8.35 -55.36 8.18
N ALA A 192 -8.82 -55.47 6.95
CA ALA A 192 -8.39 -54.54 5.91
C ALA A 192 -8.87 -53.12 6.20
N ILE A 193 -10.11 -52.98 6.67
CA ILE A 193 -10.68 -51.65 6.90
C ILE A 193 -9.93 -50.91 8.01
N PHE A 194 -9.57 -51.64 9.07
CA PHE A 194 -8.87 -51.00 10.19
C PHE A 194 -7.53 -50.42 9.74
N PHE A 195 -6.78 -51.19 8.96
CA PHE A 195 -5.51 -50.68 8.43
C PHE A 195 -5.73 -49.50 7.48
N MET A 196 -6.77 -49.57 6.66
CA MET A 196 -7.13 -48.44 5.81
C MET A 196 -7.27 -47.15 6.59
N CYS A 197 -8.09 -47.17 7.64
CA CYS A 197 -8.33 -45.96 8.43
C CYS A 197 -7.05 -45.51 9.14
N LEU A 198 -6.27 -46.48 9.64
CA LEU A 198 -5.03 -46.13 10.34
C LEU A 198 -4.10 -45.36 9.41
N PHE A 199 -3.90 -45.86 8.19
CA PHE A 199 -2.96 -45.20 7.29
C PHE A 199 -3.52 -43.87 6.79
N SER A 200 -4.83 -43.78 6.56
CA SER A 200 -5.41 -42.49 6.21
C SER A 200 -5.20 -41.47 7.32
N PHE A 201 -5.40 -41.90 8.58
CA PHE A 201 -5.17 -41.02 9.73
C PHE A 201 -3.74 -40.50 9.76
N GLY A 202 -2.77 -41.41 9.59
CA GLY A 202 -1.38 -40.99 9.61
C GLY A 202 -1.05 -40.00 8.50
N SER A 203 -1.50 -40.27 7.28
CA SER A 203 -1.22 -39.36 6.17
C SER A 203 -1.85 -37.99 6.42
N SER A 204 -3.06 -37.97 6.97
CA SER A 204 -3.73 -36.71 7.28
C SER A 204 -2.92 -35.89 8.28
N LEU A 205 -2.45 -36.54 9.34
CA LEU A 205 -1.66 -35.81 10.34
C LEU A 205 -0.39 -35.24 9.73
N SER A 206 0.29 -36.03 8.90
CA SER A 206 1.51 -35.54 8.27
C SER A 206 1.24 -34.34 7.38
N ALA A 207 0.16 -34.40 6.59
CA ALA A 207 -0.17 -33.28 5.71
C ALA A 207 -0.48 -32.01 6.49
N GLY A 208 -1.24 -32.14 7.58
CA GLY A 208 -1.54 -30.96 8.38
C GLY A 208 -0.30 -30.32 8.97
N CYS A 209 0.61 -31.14 9.53
CA CYS A 209 1.82 -30.59 10.10
C CYS A 209 2.66 -29.89 9.03
N ARG A 210 2.78 -30.51 7.85
CA ARG A 210 3.54 -29.90 6.76
C ARG A 210 2.97 -28.54 6.38
N GLY A 211 1.65 -28.45 6.23
CA GLY A 211 1.03 -27.19 5.87
C GLY A 211 1.28 -26.10 6.89
N GLY A 212 1.10 -26.42 8.16
CA GLY A 212 1.34 -25.42 9.20
C GLY A 212 2.77 -24.91 9.19
N CYS A 213 3.74 -25.83 9.11
CA CYS A 213 5.14 -25.42 9.13
C CYS A 213 5.47 -24.53 7.94
N PHE A 214 5.00 -24.89 6.75
CA PHE A 214 5.33 -24.08 5.58
C PHE A 214 4.68 -22.70 5.64
N THR A 215 3.45 -22.61 6.17
CA THR A 215 2.83 -21.30 6.32
C THR A 215 3.64 -20.40 7.25
N TYR A 216 4.07 -20.95 8.39
CA TYR A 216 4.86 -20.14 9.32
C TYR A 216 6.17 -19.71 8.69
N THR A 217 6.82 -20.60 7.92
CA THR A 217 8.06 -20.23 7.25
C THR A 217 7.84 -19.07 6.28
N MET A 218 6.74 -19.12 5.52
CA MET A 218 6.45 -18.03 4.59
C MET A 218 6.27 -16.71 5.32
N SER A 219 5.54 -16.72 6.43
CA SER A 219 5.34 -15.47 7.17
C SER A 219 6.67 -14.90 7.68
N ARG A 220 7.54 -15.77 8.23
CA ARG A 220 8.83 -15.31 8.72
C ARG A 220 9.66 -14.70 7.60
N ILE A 221 9.68 -15.35 6.44
CA ILE A 221 10.47 -14.84 5.32
C ILE A 221 9.97 -13.47 4.90
N ASN A 222 8.64 -13.31 4.82
CA ASN A 222 8.09 -12.02 4.44
C ASN A 222 8.50 -10.91 5.40
N LEU A 223 8.39 -11.17 6.70
CA LEU A 223 8.75 -10.14 7.68
C LEU A 223 10.22 -9.79 7.59
N ARG A 224 11.08 -10.80 7.43
CA ARG A 224 12.52 -10.52 7.31
C ARG A 224 12.81 -9.68 6.10
N ILE A 225 12.17 -9.97 4.96
CA ILE A 225 12.38 -9.19 3.75
C ILE A 225 12.00 -7.74 3.98
N ARG A 226 10.83 -7.52 4.60
CA ARG A 226 10.39 -6.14 4.82
C ARG A 226 11.35 -5.38 5.71
N GLU A 227 11.80 -6.02 6.80
CA GLU A 227 12.70 -5.33 7.72
C GLU A 227 14.02 -4.98 7.04
N GLN A 228 14.61 -5.91 6.30
CA GLN A 228 15.86 -5.61 5.61
C GLN A 228 15.69 -4.51 4.58
N LEU A 229 14.59 -4.53 3.83
CA LEU A 229 14.37 -3.51 2.81
C LEU A 229 14.26 -2.12 3.43
N PHE A 230 13.51 -2.00 4.53
CA PHE A 230 13.37 -0.69 5.15
C PHE A 230 14.70 -0.20 5.72
N SER A 231 15.43 -1.10 6.40
CA SER A 231 16.72 -0.71 6.97
C SER A 231 17.70 -0.31 5.88
N SER A 232 17.62 -0.92 4.70
CA SER A 232 18.49 -0.53 3.60
C SER A 232 18.05 0.79 2.97
N LEU A 233 16.75 1.04 2.88
CA LEU A 233 16.27 2.30 2.32
C LEU A 233 16.68 3.48 3.18
N LEU A 234 16.69 3.30 4.50
CA LEU A 234 17.03 4.43 5.37
C LEU A 234 18.46 4.93 5.19
N ARG A 235 19.34 4.15 4.55
CA ARG A 235 20.74 4.54 4.42
C ARG A 235 21.00 5.45 3.23
N GLN A 236 20.07 5.53 2.28
CA GLN A 236 20.38 6.15 0.99
C GLN A 236 20.58 7.64 1.12
N ASP A 237 21.33 8.20 0.17
CA ASP A 237 21.57 9.64 0.14
C ASP A 237 20.31 10.39 -0.25
N LEU A 238 20.28 11.68 0.08
CA LEU A 238 19.08 12.49 -0.11
C LEU A 238 18.67 12.61 -1.58
N GLY A 239 19.62 12.48 -2.50
CA GLY A 239 19.25 12.50 -3.92
C GLY A 239 18.36 11.34 -4.32
N PHE A 240 18.51 10.20 -3.66
CA PHE A 240 17.70 9.03 -3.98
C PHE A 240 16.22 9.29 -3.77
N PHE A 241 15.87 10.11 -2.78
CA PHE A 241 14.48 10.34 -2.44
C PHE A 241 13.81 11.37 -3.33
N GLN A 242 14.54 12.05 -4.20
CA GLN A 242 13.95 12.93 -5.20
C GLN A 242 13.75 12.25 -6.54
N GLU A 243 14.54 11.22 -6.85
CA GLU A 243 14.33 10.46 -8.07
C GLU A 243 13.17 9.48 -7.97
N THR A 244 12.65 9.25 -6.77
CA THR A 244 11.57 8.29 -6.56
C THR A 244 10.47 8.95 -5.76
N LYS A 245 9.30 8.32 -5.78
CA LYS A 245 8.13 8.81 -5.05
C LYS A 245 7.91 7.95 -3.82
N THR A 246 7.39 8.59 -2.76
CA THR A 246 7.16 7.87 -1.50
C THR A 246 6.13 6.77 -1.66
N GLY A 247 5.06 7.04 -2.40
CA GLY A 247 4.04 6.02 -2.63
C GLY A 247 4.56 4.82 -3.38
N GLU A 248 5.46 5.05 -4.34
CA GLU A 248 6.07 3.93 -5.06
C GLU A 248 6.94 3.08 -4.13
N LEU A 249 7.71 3.74 -3.25
CA LEU A 249 8.53 2.99 -2.30
C LEU A 249 7.65 2.18 -1.36
N ASN A 250 6.55 2.76 -0.88
CA ASN A 250 5.66 2.04 0.02
C ASN A 250 4.98 0.88 -0.71
N SER A 251 4.65 1.06 -1.98
CA SER A 251 4.08 -0.04 -2.76
C SER A 251 5.12 -1.07 -3.16
N ARG A 252 6.41 -0.76 -3.01
CA ARG A 252 7.44 -1.78 -3.07
C ARG A 252 7.56 -2.54 -1.76
N LEU A 253 7.43 -1.84 -0.63
CA LEU A 253 7.45 -2.52 0.66
C LEU A 253 6.26 -3.47 0.80
N SER A 254 5.09 -3.04 0.37
CA SER A 254 3.89 -3.88 0.46
C SER A 254 3.57 -4.49 -0.90
N SER A 255 3.09 -5.74 -0.87
CA SER A 255 2.56 -6.42 -2.04
C SER A 255 3.64 -6.77 -3.07
N ASP A 256 4.89 -6.40 -2.81
CA ASP A 256 5.97 -6.83 -3.68
C ASP A 256 6.85 -7.87 -3.00
N THR A 257 6.96 -7.80 -1.67
CA THR A 257 7.73 -8.78 -0.93
C THR A 257 7.02 -10.13 -0.86
N THR A 258 5.72 -10.17 -1.09
CA THR A 258 4.98 -11.43 -1.07
C THR A 258 5.44 -12.37 -2.18
N LEU A 259 5.70 -11.83 -3.37
CA LEU A 259 6.19 -12.65 -4.47
C LEU A 259 7.53 -13.30 -4.13
N MET A 260 8.42 -12.54 -3.50
CA MET A 260 9.67 -13.10 -3.01
C MET A 260 9.46 -14.07 -1.86
N SER A 261 8.36 -13.92 -1.11
CA SER A 261 8.05 -14.83 -0.02
C SER A 261 7.52 -16.17 -0.50
N ASN A 262 6.85 -16.20 -1.66
CA ASN A 262 6.21 -17.42 -2.12
C ASN A 262 7.18 -18.44 -2.73
N TRP A 263 8.45 -18.07 -2.91
CA TRP A 263 9.37 -18.92 -3.67
C TRP A 263 9.57 -20.28 -3.00
N LEU A 264 10.19 -20.30 -1.83
CA LEU A 264 10.57 -21.58 -1.22
C LEU A 264 9.39 -22.33 -0.60
N PRO A 265 8.64 -21.73 0.32
CA PRO A 265 7.62 -22.51 1.03
C PRO A 265 6.51 -23.06 0.15
N LEU A 266 6.24 -22.45 -1.00
CA LEU A 266 5.10 -22.82 -1.82
C LEU A 266 5.54 -23.58 -3.07
N ASN A 267 6.40 -23.00 -3.90
CA ASN A 267 6.70 -23.61 -5.20
C ASN A 267 7.57 -24.85 -5.04
N ALA A 268 8.64 -24.76 -4.26
CA ALA A 268 9.59 -25.87 -4.15
C ALA A 268 8.97 -27.08 -3.48
N ASN A 269 8.05 -26.87 -2.53
CA ASN A 269 7.38 -27.98 -1.86
C ASN A 269 6.63 -28.82 -2.88
N VAL A 270 5.78 -28.19 -3.68
CA VAL A 270 5.00 -28.91 -4.67
C VAL A 270 5.90 -29.51 -5.75
N LEU A 271 6.96 -28.80 -6.12
CA LEU A 271 7.88 -29.32 -7.12
C LEU A 271 8.53 -30.62 -6.63
N LEU A 272 9.00 -30.64 -5.39
CA LEU A 272 9.61 -31.84 -4.84
C LEU A 272 8.59 -32.96 -4.71
N ARG A 273 7.37 -32.63 -4.27
CA ARG A 273 6.34 -33.66 -4.15
C ARG A 273 6.00 -34.27 -5.49
N SER A 274 6.00 -33.47 -6.56
CA SER A 274 5.72 -34.02 -7.88
C SER A 274 6.88 -34.87 -8.38
N LEU A 275 8.11 -34.41 -8.18
CA LEU A 275 9.28 -35.15 -8.68
C LEU A 275 9.40 -36.50 -8.00
N VAL A 276 9.23 -36.54 -6.69
CA VAL A 276 9.42 -37.79 -5.95
C VAL A 276 8.37 -38.82 -6.32
N LYS A 277 7.22 -38.39 -6.86
CA LYS A 277 6.20 -39.33 -7.32
C LYS A 277 6.35 -39.67 -8.79
N VAL A 278 6.89 -38.75 -9.59
CA VAL A 278 7.21 -39.07 -10.97
C VAL A 278 8.24 -40.19 -11.01
N VAL A 279 9.27 -40.09 -10.16
CA VAL A 279 10.29 -41.14 -10.17
C VAL A 279 9.71 -42.47 -9.75
N GLY A 280 8.77 -42.48 -8.79
CA GLY A 280 8.15 -43.72 -8.38
C GLY A 280 7.27 -44.32 -9.46
N LEU A 281 6.52 -43.49 -10.16
CA LEU A 281 5.69 -43.98 -11.26
C LEU A 281 6.55 -44.58 -12.37
N TYR A 282 7.67 -43.93 -12.69
CA TYR A 282 8.58 -44.50 -13.69
C TYR A 282 9.17 -45.82 -13.21
N GLY A 283 9.51 -45.89 -11.91
CA GLY A 283 10.00 -47.15 -11.38
C GLY A 283 8.99 -48.27 -11.50
N PHE A 284 7.71 -47.98 -11.23
CA PHE A 284 6.67 -48.97 -11.42
C PHE A 284 6.53 -49.36 -12.89
N MET A 285 6.60 -48.37 -13.79
CA MET A 285 6.47 -48.67 -15.21
C MET A 285 7.60 -49.55 -15.72
N LEU A 286 8.80 -49.38 -15.19
CA LEU A 286 9.95 -50.14 -15.68
C LEU A 286 9.74 -51.64 -15.56
N SER A 287 8.99 -52.09 -14.55
CA SER A 287 8.79 -53.52 -14.35
C SER A 287 7.89 -54.16 -15.40
N ILE A 288 7.01 -53.38 -16.03
CA ILE A 288 6.04 -53.93 -16.97
C ILE A 288 6.65 -54.13 -18.35
N SER A 289 7.11 -53.06 -18.98
CA SER A 289 7.63 -53.13 -20.34
C SER A 289 8.74 -52.11 -20.50
N PRO A 290 10.00 -52.52 -20.36
CA PRO A 290 11.12 -51.58 -20.55
C PRO A 290 11.12 -50.93 -21.92
N ARG A 291 10.73 -51.66 -22.97
CA ARG A 291 10.65 -51.09 -24.30
C ARG A 291 9.63 -49.95 -24.35
N LEU A 292 8.46 -50.16 -23.75
CA LEU A 292 7.45 -49.11 -23.71
C LEU A 292 7.91 -47.93 -22.87
N THR A 293 8.62 -48.18 -21.77
CA THR A 293 9.14 -47.06 -20.98
C THR A 293 10.19 -46.27 -21.74
N LEU A 294 11.03 -46.95 -22.54
CA LEU A 294 11.98 -46.23 -23.39
C LEU A 294 11.24 -45.40 -24.44
N LEU A 295 10.20 -45.97 -25.05
CA LEU A 295 9.39 -45.22 -25.99
C LEU A 295 8.69 -44.04 -25.31
N SER A 296 8.47 -44.14 -24.00
CA SER A 296 7.79 -43.09 -23.26
C SER A 296 8.57 -41.79 -23.19
N LEU A 297 9.88 -41.82 -23.42
CA LEU A 297 10.69 -40.62 -23.41
C LEU A 297 10.65 -39.86 -24.74
N LEU A 298 9.64 -40.11 -25.57
CA LEU A 298 9.55 -39.49 -26.87
C LEU A 298 9.10 -38.04 -26.76
N HIS A 299 10.06 -37.11 -26.71
CA HIS A 299 9.83 -35.67 -26.76
C HIS A 299 9.12 -35.14 -25.51
N MET A 300 8.69 -36.05 -24.62
CA MET A 300 7.95 -35.73 -23.40
C MET A 300 6.63 -35.03 -23.72
N PRO A 301 5.70 -34.95 -22.77
CA PRO A 301 4.42 -34.28 -23.04
C PRO A 301 4.54 -32.79 -23.35
N PHE A 302 5.75 -32.25 -23.41
CA PHE A 302 5.94 -30.82 -23.58
C PHE A 302 7.03 -30.54 -24.61
N THR A 303 6.95 -29.37 -25.22
CA THR A 303 7.99 -28.87 -26.11
C THR A 303 8.78 -27.79 -25.38
N ILE A 304 10.11 -27.90 -25.41
CA ILE A 304 10.96 -26.95 -24.70
C ILE A 304 10.86 -25.56 -25.31
N ALA A 305 10.58 -25.47 -26.61
CA ALA A 305 10.54 -24.16 -27.27
C ALA A 305 9.41 -23.31 -26.74
N ALA A 306 8.21 -23.89 -26.58
CA ALA A 306 7.07 -23.13 -26.07
C ALA A 306 7.31 -22.64 -24.65
N GLU A 307 7.90 -23.49 -23.81
CA GLU A 307 8.17 -23.11 -22.43
C GLU A 307 9.08 -21.89 -22.38
N LYS A 308 10.11 -21.85 -23.24
CA LYS A 308 11.04 -20.73 -23.25
C LYS A 308 10.33 -19.43 -23.58
N VAL A 309 9.49 -19.43 -24.62
CA VAL A 309 8.80 -18.21 -25.04
C VAL A 309 7.84 -17.75 -23.95
N TYR A 310 7.08 -18.70 -23.38
CA TYR A 310 6.10 -18.32 -22.36
C TYR A 310 6.81 -17.76 -21.12
N ASN A 311 7.92 -18.38 -20.72
CA ASN A 311 8.65 -17.88 -19.55
C ASN A 311 9.28 -16.53 -19.85
N THR A 312 9.65 -16.28 -21.10
CA THR A 312 10.17 -14.96 -21.46
C THR A 312 9.09 -13.89 -21.32
N ARG A 313 7.88 -14.18 -21.80
CA ARG A 313 6.83 -13.15 -21.80
C ARG A 313 6.23 -12.94 -20.42
N HIS A 314 6.10 -14.01 -19.62
CA HIS A 314 5.41 -13.92 -18.34
C HIS A 314 6.14 -13.00 -17.37
N GLN A 315 7.48 -13.12 -17.31
CA GLN A 315 8.26 -12.26 -16.43
C GLN A 315 8.11 -10.79 -16.81
N GLU A 316 8.15 -10.50 -18.11
CA GLU A 316 8.02 -9.13 -18.58
C GLU A 316 6.65 -8.55 -18.20
N VAL A 317 5.58 -9.32 -18.41
CA VAL A 317 4.26 -8.80 -18.07
C VAL A 317 4.12 -8.61 -16.57
N LEU A 318 4.71 -9.50 -15.77
CA LEU A 318 4.64 -9.33 -14.31
C LEU A 318 5.36 -8.05 -13.87
N ARG A 319 6.54 -7.79 -14.45
CA ARG A 319 7.26 -6.57 -14.12
C ARG A 319 6.45 -5.33 -14.48
N GLU A 320 5.83 -5.34 -15.67
CA GLU A 320 4.98 -4.22 -16.05
C GLU A 320 3.82 -4.04 -15.07
N ILE A 321 3.22 -5.15 -14.63
CA ILE A 321 2.11 -5.07 -13.69
C ILE A 321 2.55 -4.41 -12.40
N GLN A 322 3.71 -4.81 -11.88
CA GLN A 322 4.20 -4.22 -10.63
C GLN A 322 4.44 -2.72 -10.78
N ASP A 323 5.07 -2.31 -11.89
CA ASP A 323 5.30 -0.89 -12.09
C ASP A 323 3.99 -0.11 -12.17
N ALA A 324 3.00 -0.65 -12.89
CA ALA A 324 1.71 0.02 -13.00
C ALA A 324 1.02 0.14 -11.65
N VAL A 325 1.12 -0.91 -10.82
CA VAL A 325 0.50 -0.85 -9.49
C VAL A 325 1.15 0.23 -8.64
N ALA A 326 2.48 0.34 -8.71
CA ALA A 326 3.14 1.40 -7.94
C ALA A 326 2.72 2.79 -8.41
N ARG A 327 2.63 2.99 -9.73
CA ARG A 327 2.17 4.26 -10.24
C ARG A 327 0.75 4.57 -9.79
N ALA A 328 -0.10 3.55 -9.72
CA ALA A 328 -1.47 3.76 -9.25
C ALA A 328 -1.48 4.14 -7.77
N GLY A 329 -0.62 3.52 -6.96
CA GLY A 329 -0.61 3.84 -5.53
C GLY A 329 -0.13 5.25 -5.25
N GLN A 330 0.79 5.76 -6.07
CA GLN A 330 1.28 7.12 -5.86
C GLN A 330 0.14 8.15 -5.91
N VAL A 331 -0.87 7.91 -6.75
CA VAL A 331 -1.99 8.85 -6.85
C VAL A 331 -2.73 8.96 -5.53
N VAL A 332 -3.01 7.80 -4.90
CA VAL A 332 -3.67 7.82 -3.60
C VAL A 332 -2.80 8.51 -2.56
N ARG A 333 -1.48 8.24 -2.61
CA ARG A 333 -0.58 8.92 -1.69
C ARG A 333 -0.72 10.43 -1.79
N GLU A 334 -0.63 10.97 -3.01
CA GLU A 334 -0.73 12.42 -3.19
C GLU A 334 -2.09 12.95 -2.78
N ALA A 335 -3.16 12.26 -3.16
CA ALA A 335 -4.51 12.76 -2.92
C ALA A 335 -4.85 12.77 -1.44
N VAL A 336 -4.44 11.75 -0.70
CA VAL A 336 -4.79 11.69 0.72
C VAL A 336 -3.84 12.54 1.55
N GLY A 337 -2.58 12.66 1.13
CA GLY A 337 -1.63 13.44 1.91
C GLY A 337 -2.00 14.90 2.02
N GLY A 338 -2.40 15.51 0.91
CA GLY A 338 -2.69 16.93 0.85
C GLY A 338 -4.16 17.26 0.71
N LEU A 339 -5.01 16.57 1.47
CA LEU A 339 -6.45 16.61 1.21
C LEU A 339 -7.03 18.01 1.43
N GLN A 340 -6.51 18.76 2.39
CA GLN A 340 -7.10 20.07 2.67
C GLN A 340 -6.96 21.02 1.48
N THR A 341 -5.83 20.98 0.78
CA THR A 341 -5.68 21.80 -0.42
C THR A 341 -6.68 21.38 -1.49
N VAL A 342 -6.86 20.06 -1.68
CA VAL A 342 -7.82 19.56 -2.67
C VAL A 342 -9.23 20.02 -2.33
N ARG A 343 -9.59 19.97 -1.04
CA ARG A 343 -10.87 20.50 -0.60
C ARG A 343 -10.99 21.98 -0.91
N SER A 344 -9.94 22.75 -0.60
CA SER A 344 -9.97 24.18 -0.82
C SER A 344 -10.11 24.54 -2.30
N PHE A 345 -9.65 23.67 -3.20
CA PHE A 345 -9.83 23.89 -4.63
C PHE A 345 -10.94 23.03 -5.21
N GLY A 346 -11.59 22.20 -4.40
CA GLY A 346 -12.70 21.39 -4.87
C GLY A 346 -12.37 20.43 -5.99
N ALA A 347 -11.19 19.81 -5.95
CA ALA A 347 -10.73 18.96 -7.03
C ALA A 347 -10.75 17.48 -6.67
N GLU A 348 -11.68 17.04 -5.82
CA GLU A 348 -11.75 15.62 -5.47
C GLU A 348 -12.08 14.77 -6.69
N GLU A 349 -13.04 15.21 -7.51
CA GLU A 349 -13.46 14.43 -8.66
C GLU A 349 -12.33 14.28 -9.67
N HIS A 350 -11.49 15.31 -9.82
CA HIS A 350 -10.33 15.20 -10.69
C HIS A 350 -9.38 14.10 -10.24
N GLU A 351 -9.13 14.03 -8.92
CA GLU A 351 -8.28 12.98 -8.39
C GLU A 351 -8.90 11.60 -8.57
N VAL A 352 -10.21 11.48 -8.38
CA VAL A 352 -10.88 10.19 -8.57
C VAL A 352 -10.78 9.74 -10.02
N CYS A 353 -10.97 10.68 -10.96
CA CYS A 353 -10.83 10.34 -12.38
C CYS A 353 -9.40 9.90 -12.69
N ARG A 354 -8.41 10.59 -12.13
CA ARG A 354 -7.02 10.17 -12.34
C ARG A 354 -6.77 8.77 -11.81
N TYR A 355 -7.32 8.47 -10.63
CA TYR A 355 -7.12 7.14 -10.05
C TYR A 355 -7.78 6.06 -10.92
N LYS A 356 -8.98 6.32 -11.43
CA LYS A 356 -9.64 5.34 -12.27
C LYS A 356 -8.88 5.12 -13.58
N GLU A 357 -8.40 6.21 -14.17
CA GLU A 357 -7.61 6.10 -15.39
C GLU A 357 -6.31 5.34 -15.15
N ALA A 358 -5.76 5.43 -13.93
CA ALA A 358 -4.58 4.64 -13.60
C ALA A 358 -4.93 3.17 -13.37
N LEU A 359 -6.12 2.89 -12.81
CA LEU A 359 -6.53 1.51 -12.59
C LEU A 359 -6.78 0.78 -13.91
N GLU A 360 -7.24 1.52 -14.92
CA GLU A 360 -7.55 0.88 -16.21
C GLU A 360 -6.33 0.18 -16.81
N GLN A 361 -5.15 0.79 -16.70
CA GLN A 361 -3.95 0.18 -17.26
C GLN A 361 -3.61 -1.13 -16.56
N CYS A 362 -3.73 -1.15 -15.23
CA CYS A 362 -3.50 -2.38 -14.48
C CYS A 362 -4.48 -3.46 -14.89
N ARG A 363 -5.74 -3.08 -15.11
CA ARG A 363 -6.73 -4.05 -15.57
C ARG A 363 -6.33 -4.65 -16.92
N GLN A 364 -5.89 -3.80 -17.84
CA GLN A 364 -5.47 -4.30 -19.15
C GLN A 364 -4.29 -5.25 -19.05
N LEU A 365 -3.32 -4.92 -18.19
CA LEU A 365 -2.16 -5.80 -18.01
C LEU A 365 -2.58 -7.14 -17.42
N TYR A 366 -3.50 -7.12 -16.46
CA TYR A 366 -3.98 -8.37 -15.87
C TYR A 366 -4.63 -9.25 -16.93
N TRP A 367 -5.48 -8.65 -17.78
CA TRP A 367 -6.11 -9.41 -18.85
C TRP A 367 -5.07 -9.98 -19.81
N ARG A 368 -4.07 -9.18 -20.16
CA ARG A 368 -3.03 -9.64 -21.08
C ARG A 368 -2.30 -10.85 -20.51
N ARG A 369 -2.03 -10.86 -19.21
CA ARG A 369 -1.39 -12.01 -18.59
C ARG A 369 -2.29 -13.24 -18.62
N ASP A 370 -3.55 -13.07 -18.19
CA ASP A 370 -4.45 -14.21 -18.02
C ASP A 370 -4.76 -14.90 -19.34
N LEU A 371 -5.01 -14.13 -20.40
CA LEU A 371 -5.36 -14.74 -21.69
C LEU A 371 -4.21 -15.62 -22.20
N GLU A 372 -2.98 -15.11 -22.12
CA GLU A 372 -1.84 -15.89 -22.58
C GLU A 372 -1.65 -17.14 -21.74
N ARG A 373 -1.85 -17.05 -20.42
CA ARG A 373 -1.73 -18.25 -19.59
C ARG A 373 -2.73 -19.31 -20.03
N ALA A 374 -3.99 -18.91 -20.26
CA ALA A 374 -5.01 -19.87 -20.68
C ALA A 374 -4.64 -20.51 -22.02
N LEU A 375 -4.18 -19.70 -22.97
CA LEU A 375 -3.83 -20.23 -24.28
C LEU A 375 -2.69 -21.25 -24.18
N TYR A 376 -1.68 -20.94 -23.37
CA TYR A 376 -0.55 -21.86 -23.21
C TYR A 376 -1.00 -23.17 -22.58
N LEU A 377 -1.89 -23.10 -21.59
CA LEU A 377 -2.39 -24.34 -20.99
C LEU A 377 -3.19 -25.17 -21.99
N LEU A 378 -3.97 -24.52 -22.85
CA LEU A 378 -4.70 -25.25 -23.89
C LEU A 378 -3.74 -25.98 -24.83
N VAL A 379 -2.67 -25.28 -25.23
CA VAL A 379 -1.68 -25.90 -26.12
C VAL A 379 -1.07 -27.13 -25.46
N ARG A 380 -0.71 -27.02 -24.18
CA ARG A 380 -0.15 -28.18 -23.48
C ARG A 380 -1.15 -29.32 -23.38
N ARG A 381 -2.43 -29.02 -23.19
CA ARG A 381 -3.44 -30.07 -23.17
C ARG A 381 -3.47 -30.82 -24.50
N VAL A 382 -3.43 -30.09 -25.62
CA VAL A 382 -3.41 -30.73 -26.93
C VAL A 382 -2.18 -31.61 -27.08
N LEU A 383 -1.02 -31.12 -26.65
CA LEU A 383 0.20 -31.91 -26.75
C LEU A 383 0.10 -33.21 -25.95
N HIS A 384 -0.44 -33.12 -24.73
CA HIS A 384 -0.61 -34.33 -23.91
C HIS A 384 -1.53 -35.32 -24.60
N LEU A 385 -2.62 -34.83 -25.20
CA LEU A 385 -3.52 -35.74 -25.93
C LEU A 385 -2.78 -36.46 -27.05
N GLY A 386 -1.99 -35.73 -27.83
CA GLY A 386 -1.26 -36.36 -28.92
C GLY A 386 -0.29 -37.42 -28.45
N VAL A 387 0.46 -37.12 -27.39
CA VAL A 387 1.41 -38.09 -26.86
C VAL A 387 0.66 -39.33 -26.36
N GLN A 388 -0.47 -39.13 -25.69
CA GLN A 388 -1.28 -40.25 -25.25
C GLN A 388 -1.70 -41.13 -26.42
N MET A 389 -2.11 -40.50 -27.53
CA MET A 389 -2.57 -41.28 -28.68
C MET A 389 -1.46 -42.11 -29.28
N LEU A 390 -0.28 -41.51 -29.45
CA LEU A 390 0.85 -42.28 -29.98
C LEU A 390 1.19 -43.44 -29.08
N MET A 391 1.19 -43.22 -27.76
CA MET A 391 1.54 -44.27 -26.82
C MET A 391 0.54 -45.41 -26.88
N LEU A 392 -0.75 -45.08 -26.98
CA LEU A 392 -1.77 -46.12 -27.08
C LEU A 392 -1.61 -46.90 -28.38
N SER A 393 -1.22 -46.23 -29.46
CA SER A 393 -0.98 -46.94 -30.71
C SER A 393 0.16 -47.95 -30.58
N CYS A 394 1.27 -47.54 -29.95
CA CYS A 394 2.38 -48.48 -29.77
C CYS A 394 2.00 -49.63 -28.84
N GLY A 395 1.22 -49.34 -27.80
CA GLY A 395 0.75 -50.41 -26.93
C GLY A 395 -0.14 -51.40 -27.67
N LEU A 396 -1.00 -50.90 -28.55
CA LEU A 396 -1.82 -51.79 -29.36
C LEU A 396 -0.97 -52.64 -30.28
N GLN A 397 0.09 -52.05 -30.86
CA GLN A 397 1.00 -52.85 -31.69
C GLN A 397 1.64 -53.97 -30.88
N GLN A 398 2.09 -53.66 -29.65
CA GLN A 398 2.64 -54.70 -28.79
C GLN A 398 1.60 -55.77 -28.46
N MET A 399 0.33 -55.37 -28.34
CA MET A 399 -0.74 -56.34 -28.18
C MET A 399 -0.88 -57.25 -29.38
N GLN A 400 -0.83 -56.70 -30.60
CA GLN A 400 -1.12 -57.48 -31.79
C GLN A 400 -0.06 -58.56 -32.03
N ASP A 401 1.18 -58.31 -31.63
CA ASP A 401 2.27 -59.26 -31.82
C ASP A 401 2.44 -60.23 -30.66
N GLY A 402 1.57 -60.17 -29.65
CA GLY A 402 1.62 -61.11 -28.56
C GLY A 402 2.68 -60.85 -27.51
N GLU A 403 3.27 -59.66 -27.48
CA GLU A 403 4.33 -59.35 -26.53
C GLU A 403 3.80 -58.87 -25.19
N LEU A 404 2.49 -58.71 -25.03
CA LEU A 404 1.94 -58.11 -23.82
C LEU A 404 0.58 -58.74 -23.50
N THR A 405 0.18 -58.64 -22.23
CA THR A 405 -1.11 -59.13 -21.76
C THR A 405 -1.96 -57.95 -21.29
N GLN A 406 -3.29 -58.16 -21.32
CA GLN A 406 -4.22 -57.04 -21.20
C GLN A 406 -4.12 -56.34 -19.85
N GLY A 407 -3.99 -57.12 -18.77
CA GLY A 407 -3.87 -56.50 -17.46
C GLY A 407 -2.64 -55.62 -17.35
N SER A 408 -1.50 -56.11 -17.87
CA SER A 408 -0.28 -55.32 -17.86
C SER A 408 -0.43 -54.06 -18.71
N LEU A 409 -1.11 -54.18 -19.86
CA LEU A 409 -1.33 -53.01 -20.70
C LEU A 409 -2.19 -51.98 -19.99
N LEU A 410 -3.23 -52.42 -19.28
CA LEU A 410 -4.08 -51.50 -18.55
C LEU A 410 -3.32 -50.80 -17.44
N SER A 411 -2.51 -51.55 -16.69
CA SER A 411 -1.71 -50.95 -15.63
C SER A 411 -0.71 -49.95 -16.21
N PHE A 412 -0.07 -50.31 -17.33
CA PHE A 412 0.89 -49.42 -17.96
C PHE A 412 0.21 -48.14 -18.43
N MET A 413 -0.99 -48.25 -18.99
CA MET A 413 -1.70 -47.05 -19.43
C MET A 413 -2.09 -46.17 -18.26
N ILE A 414 -2.51 -46.76 -17.14
CA ILE A 414 -2.83 -45.96 -15.96
C ILE A 414 -1.60 -45.17 -15.50
N TYR A 415 -0.47 -45.89 -15.36
CA TYR A 415 0.75 -45.22 -14.94
C TYR A 415 1.18 -44.16 -15.94
N GLN A 416 0.98 -44.43 -17.24
CA GLN A 416 1.36 -43.46 -18.27
C GLN A 416 0.52 -42.20 -18.18
N GLU A 417 -0.78 -42.33 -17.95
CA GLU A 417 -1.62 -41.15 -17.76
C GLU A 417 -1.11 -40.32 -16.58
N SER A 418 -0.82 -40.99 -15.46
CA SER A 418 -0.31 -40.28 -14.30
C SER A 418 0.99 -39.55 -14.61
N VAL A 419 1.93 -40.24 -15.26
CA VAL A 419 3.24 -39.66 -15.55
C VAL A 419 3.09 -38.47 -16.50
N GLY A 420 2.27 -38.62 -17.53
CA GLY A 420 2.10 -37.56 -18.51
C GLY A 420 1.50 -36.31 -17.90
N SER A 421 0.59 -36.48 -16.95
CA SER A 421 0.09 -35.30 -16.23
C SER A 421 1.17 -34.68 -15.34
N TYR A 422 1.89 -35.52 -14.58
CA TYR A 422 2.75 -35.01 -13.53
C TYR A 422 3.97 -34.28 -14.10
N VAL A 423 4.49 -34.76 -15.23
CA VAL A 423 5.64 -34.08 -15.84
C VAL A 423 5.28 -32.66 -16.25
N GLN A 424 4.11 -32.48 -16.87
CA GLN A 424 3.65 -31.14 -17.23
C GLN A 424 3.48 -30.27 -16.00
N THR A 425 2.89 -30.83 -14.94
CA THR A 425 2.74 -30.06 -13.71
C THR A 425 4.09 -29.60 -13.18
N LEU A 426 5.08 -30.49 -13.17
CA LEU A 426 6.41 -30.16 -12.68
C LEU A 426 7.03 -29.03 -13.50
N VAL A 427 6.96 -29.12 -14.83
CA VAL A 427 7.57 -28.10 -15.67
C VAL A 427 6.90 -26.76 -15.45
N TYR A 428 5.57 -26.74 -15.36
CA TYR A 428 4.86 -25.48 -15.12
C TYR A 428 5.26 -24.85 -13.81
N ILE A 429 5.35 -25.67 -12.75
CA ILE A 429 5.72 -25.13 -11.44
C ILE A 429 7.12 -24.54 -11.48
N TYR A 430 8.06 -25.23 -12.11
CA TYR A 430 9.43 -24.70 -12.22
C TYR A 430 9.45 -23.38 -12.97
N GLY A 431 8.71 -23.29 -14.08
CA GLY A 431 8.67 -22.05 -14.83
C GLY A 431 8.12 -20.89 -14.01
N ASP A 432 7.01 -21.12 -13.30
CA ASP A 432 6.42 -20.05 -12.49
C ASP A 432 7.36 -19.63 -11.37
N MET A 433 8.03 -20.61 -10.74
CA MET A 433 8.96 -20.29 -9.66
C MET A 433 10.08 -19.40 -10.15
N LEU A 434 10.64 -19.70 -11.33
CA LEU A 434 11.67 -18.82 -11.88
C LEU A 434 11.11 -17.45 -12.24
N SER A 435 9.90 -17.41 -12.82
CA SER A 435 9.36 -16.15 -13.32
C SER A 435 9.10 -15.15 -12.20
N ASN A 436 8.55 -15.61 -11.07
CA ASN A 436 8.26 -14.67 -9.98
C ASN A 436 9.53 -14.05 -9.41
N VAL A 437 10.56 -14.87 -9.16
CA VAL A 437 11.81 -14.36 -8.63
C VAL A 437 12.47 -13.41 -9.63
N GLY A 438 12.38 -13.72 -10.92
CA GLY A 438 12.90 -12.80 -11.91
C GLY A 438 12.18 -11.47 -11.94
N ALA A 439 10.85 -11.51 -11.81
CA ALA A 439 10.06 -10.29 -11.83
C ALA A 439 10.27 -9.43 -10.59
N ALA A 440 10.67 -10.03 -9.47
CA ALA A 440 10.83 -9.27 -8.24
C ALA A 440 12.19 -8.61 -8.09
N GLU A 441 12.91 -8.34 -9.18
CA GLU A 441 14.29 -7.87 -9.09
C GLU A 441 14.43 -6.44 -8.58
N LYS A 442 13.36 -5.64 -8.63
CA LYS A 442 13.48 -4.25 -8.18
C LYS A 442 13.82 -4.16 -6.70
N VAL A 443 13.22 -5.03 -5.89
CA VAL A 443 13.51 -5.02 -4.46
C VAL A 443 14.96 -5.37 -4.20
N PHE A 444 15.50 -6.36 -4.93
CA PHE A 444 16.92 -6.69 -4.79
C PHE A 444 17.80 -5.53 -5.22
N SER A 445 17.39 -4.80 -6.26
CA SER A 445 18.14 -3.62 -6.68
C SER A 445 18.17 -2.57 -5.58
N TYR A 446 17.02 -2.33 -4.94
CA TYR A 446 16.97 -1.35 -3.85
C TYR A 446 17.83 -1.80 -2.66
N MET A 447 17.78 -3.09 -2.32
CA MET A 447 18.46 -3.56 -1.13
C MET A 447 19.98 -3.49 -1.27
N ASP A 448 20.48 -3.43 -2.50
CA ASP A 448 21.92 -3.50 -2.74
C ASP A 448 22.55 -2.18 -3.11
N ARG A 449 21.77 -1.14 -3.37
CA ARG A 449 22.30 0.12 -3.87
C ARG A 449 23.27 0.73 -2.86
N GLN A 450 24.47 1.03 -3.32
CA GLN A 450 25.48 1.66 -2.48
C GLN A 450 25.21 3.16 -2.38
N PRO A 451 25.08 3.72 -1.18
CA PRO A 451 24.78 5.15 -1.07
C PRO A 451 25.87 6.00 -1.69
N ASN A 452 25.46 7.12 -2.29
CA ASN A 452 26.40 8.09 -2.88
C ASN A 452 26.85 9.04 -1.77
N LEU A 453 27.55 8.48 -0.80
CA LEU A 453 28.01 9.18 0.39
C LEU A 453 29.46 8.83 0.64
N PRO A 454 30.20 9.70 1.32
CA PRO A 454 31.59 9.38 1.66
C PRO A 454 31.66 8.30 2.73
N SER A 455 32.88 7.84 2.98
CA SER A 455 33.09 6.82 4.00
C SER A 455 32.71 7.38 5.38
N PRO A 456 32.17 6.53 6.26
CA PRO A 456 31.75 7.02 7.58
C PRO A 456 32.93 7.54 8.39
N GLY A 457 32.67 8.59 9.16
CA GLY A 457 33.71 9.20 9.96
C GLY A 457 33.92 8.46 11.27
N THR A 458 34.97 8.89 11.98
CA THR A 458 35.31 8.28 13.27
C THR A 458 35.61 9.29 14.37
N LEU A 459 35.84 10.56 14.06
CA LEU A 459 36.22 11.54 15.08
C LEU A 459 35.05 11.82 16.02
N ALA A 460 35.36 11.92 17.31
CA ALA A 460 34.37 12.31 18.32
C ALA A 460 35.11 12.86 19.53
N PRO A 461 35.70 14.05 19.40
CA PRO A 461 36.51 14.59 20.49
C PRO A 461 35.66 14.97 21.69
N THR A 462 36.30 15.00 22.86
CA THR A 462 35.62 15.36 24.10
C THR A 462 35.24 16.83 24.13
N THR A 463 35.98 17.70 23.47
CA THR A 463 35.71 19.13 23.45
C THR A 463 35.75 19.64 22.02
N LEU A 464 34.92 20.65 21.75
CA LEU A 464 34.83 21.24 20.42
C LEU A 464 34.69 22.75 20.57
N GLN A 465 35.57 23.50 19.91
CA GLN A 465 35.51 24.95 20.00
C GLN A 465 34.34 25.51 19.21
N GLY A 466 34.18 25.07 17.97
CA GLY A 466 33.10 25.54 17.12
C GLY A 466 33.50 26.50 16.03
N VAL A 467 34.71 26.40 15.50
CA VAL A 467 35.13 27.28 14.41
C VAL A 467 34.81 26.60 13.08
N VAL A 468 34.10 27.31 12.22
CA VAL A 468 33.64 26.79 10.94
C VAL A 468 34.23 27.64 9.83
N LYS A 469 34.77 26.99 8.80
CA LYS A 469 35.39 27.69 7.67
C LYS A 469 34.88 27.12 6.36
N PHE A 470 34.53 28.02 5.44
CA PHE A 470 34.25 27.68 4.05
C PHE A 470 35.42 28.14 3.21
N GLN A 471 35.88 27.29 2.29
CA GLN A 471 37.07 27.58 1.48
C GLN A 471 36.77 27.23 0.03
N ASP A 472 36.42 28.24 -0.76
CA ASP A 472 36.16 28.09 -2.20
C ASP A 472 35.10 27.02 -2.46
N VAL A 473 34.05 27.00 -1.63
CA VAL A 473 33.02 25.98 -1.78
C VAL A 473 32.18 26.26 -3.02
N SER A 474 32.04 25.25 -3.87
CA SER A 474 31.18 25.33 -5.04
C SER A 474 30.27 24.11 -5.05
N PHE A 475 29.00 24.32 -5.39
CA PHE A 475 28.02 23.24 -5.24
C PHE A 475 26.97 23.34 -6.35
N ALA A 476 26.50 22.17 -6.77
CA ALA A 476 25.39 22.06 -7.70
C ALA A 476 24.65 20.77 -7.40
N TYR A 477 23.32 20.83 -7.38
CA TYR A 477 22.54 19.71 -6.91
C TYR A 477 22.69 18.51 -7.84
N PRO A 478 22.78 17.29 -7.30
CA PRO A 478 23.06 16.12 -8.13
C PRO A 478 22.01 15.86 -9.21
N ASN A 479 20.73 16.13 -8.94
CA ASN A 479 19.70 15.87 -9.93
C ASN A 479 19.67 16.91 -11.03
N ARG A 480 20.42 17.99 -10.90
CA ARG A 480 20.52 19.01 -11.94
C ARG A 480 21.94 19.57 -11.93
N PRO A 481 22.94 18.77 -12.31
CA PRO A 481 24.33 19.19 -12.10
C PRO A 481 24.81 20.24 -13.09
N ASP A 482 24.02 20.61 -14.09
CA ASP A 482 24.47 21.57 -15.09
C ASP A 482 24.26 23.02 -14.66
N ARG A 483 23.53 23.27 -13.59
CA ARG A 483 23.25 24.64 -13.13
C ARG A 483 23.85 24.85 -11.75
N PRO A 484 24.97 25.57 -11.64
CA PRO A 484 25.58 25.78 -10.32
C PRO A 484 24.73 26.67 -9.44
N VAL A 485 24.81 26.43 -8.14
CA VAL A 485 24.08 27.21 -7.14
C VAL A 485 25.02 28.09 -6.33
N LEU A 486 26.16 27.55 -5.91
CA LEU A 486 27.19 28.30 -5.20
C LEU A 486 28.43 28.39 -6.07
N LYS A 487 29.08 29.56 -6.04
CA LYS A 487 30.11 29.90 -7.00
C LYS A 487 31.38 30.37 -6.29
N GLY A 488 31.84 29.58 -5.32
CA GLY A 488 33.09 29.88 -4.65
C GLY A 488 32.96 30.78 -3.44
N LEU A 489 32.17 30.37 -2.46
CA LEU A 489 32.03 31.11 -1.22
C LEU A 489 33.23 30.90 -0.31
N THR A 490 33.47 31.87 0.57
CA THR A 490 34.48 31.73 1.61
C THR A 490 34.13 32.65 2.76
N PHE A 491 34.14 32.10 3.98
CA PHE A 491 33.82 32.86 5.18
C PHE A 491 34.21 32.02 6.39
N THR A 492 34.02 32.61 7.57
CA THR A 492 34.38 31.97 8.83
C THR A 492 33.38 32.35 9.91
N LEU A 493 33.03 31.36 10.74
CA LEU A 493 32.19 31.58 11.92
C LEU A 493 33.01 31.29 13.17
N ARG A 494 32.86 32.14 14.18
CA ARG A 494 33.66 32.02 15.39
C ARG A 494 32.76 32.01 16.61
N PRO A 495 33.18 31.34 17.68
CA PRO A 495 32.34 31.27 18.89
C PRO A 495 32.14 32.65 19.51
N GLY A 496 30.97 32.82 20.13
CA GLY A 496 30.66 34.05 20.82
C GLY A 496 30.15 35.18 19.94
N GLU A 497 30.00 34.95 18.64
CA GLU A 497 29.53 35.97 17.72
C GLU A 497 28.34 35.45 16.93
N VAL A 498 27.49 36.37 16.49
CA VAL A 498 26.31 36.05 15.72
C VAL A 498 26.54 36.53 14.30
N THR A 499 26.49 35.59 13.35
CA THR A 499 26.72 35.88 11.94
C THR A 499 25.40 35.77 11.19
N ALA A 500 25.11 36.77 10.35
CA ALA A 500 23.86 36.81 9.61
C ALA A 500 24.14 36.64 8.12
N LEU A 501 23.31 35.82 7.47
CA LEU A 501 23.40 35.58 6.04
C LEU A 501 22.08 36.03 5.40
N VAL A 502 22.17 36.98 4.47
CA VAL A 502 20.98 37.58 3.87
C VAL A 502 21.10 37.54 2.35
N GLY A 503 19.95 37.59 1.69
CA GLY A 503 19.89 37.56 0.25
C GLY A 503 18.47 37.38 -0.26
N PRO A 504 18.27 37.53 -1.56
CA PRO A 504 16.93 37.34 -2.13
C PRO A 504 16.58 35.85 -2.23
N ASN A 505 15.37 35.60 -2.71
CA ASN A 505 14.91 34.23 -2.88
C ASN A 505 15.73 33.51 -3.95
N GLY A 506 16.02 32.24 -3.69
CA GLY A 506 16.78 31.44 -4.64
C GLY A 506 18.26 31.73 -4.68
N SER A 507 18.79 32.46 -3.71
CA SER A 507 20.21 32.82 -3.71
C SER A 507 21.09 31.74 -3.10
N GLY A 508 20.54 30.74 -2.42
CA GLY A 508 21.31 29.63 -1.92
C GLY A 508 21.60 29.63 -0.43
N LYS A 509 20.79 30.30 0.38
CA LYS A 509 21.04 30.33 1.82
C LYS A 509 20.76 28.98 2.45
N SER A 510 19.60 28.38 2.13
CA SER A 510 19.30 27.06 2.66
C SER A 510 20.25 26.01 2.12
N THR A 511 20.80 26.21 0.93
CA THR A 511 21.85 25.32 0.43
C THR A 511 23.09 25.40 1.30
N VAL A 512 23.47 26.61 1.72
CA VAL A 512 24.59 26.77 2.64
C VAL A 512 24.30 26.06 3.95
N ALA A 513 23.07 26.23 4.46
CA ALA A 513 22.71 25.56 5.71
C ALA A 513 22.79 24.05 5.58
N ALA A 514 22.33 23.50 4.46
CA ALA A 514 22.41 22.06 4.24
C ALA A 514 23.84 21.57 4.11
N LEU A 515 24.69 22.34 3.42
CA LEU A 515 26.10 21.97 3.31
C LEU A 515 26.78 21.98 4.67
N LEU A 516 26.41 22.93 5.53
CA LEU A 516 27.02 23.01 6.85
C LEU A 516 26.65 21.82 7.72
N GLN A 517 25.52 21.17 7.44
CA GLN A 517 25.06 20.03 8.21
C GLN A 517 25.46 18.69 7.60
N ASN A 518 26.28 18.71 6.55
CA ASN A 518 26.75 17.49 5.89
C ASN A 518 25.60 16.69 5.29
N LEU A 519 24.54 17.37 4.85
CA LEU A 519 23.49 16.70 4.11
C LEU A 519 23.86 16.53 2.64
N TYR A 520 24.74 17.39 2.13
CA TYR A 520 25.24 17.30 0.77
C TYR A 520 26.74 17.51 0.78
N GLN A 521 27.40 16.98 -0.24
CA GLN A 521 28.84 17.19 -0.31
C GLN A 521 29.17 18.30 -1.31
N PRO A 522 30.10 19.19 -0.97
CA PRO A 522 30.49 20.23 -1.93
C PRO A 522 31.22 19.64 -3.12
N THR A 523 30.91 20.17 -4.31
CA THR A 523 31.57 19.71 -5.53
C THR A 523 32.98 20.28 -5.66
N GLY A 524 33.28 21.34 -4.93
CA GLY A 524 34.62 21.90 -4.93
C GLY A 524 34.88 22.62 -3.63
N GLY A 525 36.15 22.69 -3.25
CA GLY A 525 36.49 23.29 -1.98
C GLY A 525 36.21 22.36 -0.82
N GLN A 526 36.35 22.90 0.38
CA GLN A 526 36.22 22.13 1.61
C GLN A 526 35.39 22.88 2.62
N VAL A 527 34.74 22.13 3.50
CA VAL A 527 34.05 22.66 4.68
C VAL A 527 34.74 22.09 5.90
N LEU A 528 35.27 22.98 6.75
CA LEU A 528 36.09 22.57 7.88
C LEU A 528 35.41 22.93 9.19
N LEU A 529 35.42 21.99 10.13
CA LEU A 529 34.92 22.21 11.49
C LEU A 529 36.07 21.94 12.45
N ASP A 530 36.60 23.00 13.06
CA ASP A 530 37.77 22.91 13.91
C ASP A 530 38.95 22.28 13.17
N GLU A 531 39.17 22.75 11.94
CA GLU A 531 40.27 22.34 11.06
C GLU A 531 40.17 20.89 10.59
N LYS A 532 39.07 20.21 10.88
CA LYS A 532 38.82 18.89 10.32
C LYS A 532 37.72 18.95 9.28
N PRO A 533 37.80 18.14 8.22
CA PRO A 533 36.68 18.06 7.29
C PRO A 533 35.41 17.61 8.00
N ILE A 534 34.28 18.18 7.57
CA ILE A 534 33.02 17.96 8.28
C ILE A 534 32.59 16.50 8.20
N SER A 535 33.01 15.78 7.16
CA SER A 535 32.56 14.42 6.95
C SER A 535 33.37 13.39 7.72
N GLN A 536 34.40 13.80 8.47
CA GLN A 536 35.21 12.88 9.24
C GLN A 536 34.68 12.65 10.65
N TYR A 537 33.68 13.41 11.09
CA TYR A 537 33.12 13.23 12.42
C TYR A 537 32.05 12.15 12.40
N GLU A 538 31.89 11.48 13.54
CA GLU A 538 30.92 10.40 13.64
C GLU A 538 29.51 10.93 13.44
N HIS A 539 28.67 10.12 12.80
CA HIS A 539 27.33 10.56 12.41
C HIS A 539 26.49 10.94 13.62
N CYS A 540 26.55 10.12 14.68
CA CYS A 540 25.74 10.40 15.85
C CYS A 540 26.31 11.55 16.67
N TYR A 541 27.64 11.71 16.68
CA TYR A 541 28.27 12.79 17.44
C TYR A 541 28.08 14.13 16.74
N LEU A 542 28.23 14.15 15.42
CA LEU A 542 28.19 15.41 14.67
C LEU A 542 26.85 16.11 14.82
N HIS A 543 25.75 15.37 14.71
CA HIS A 543 24.44 15.97 14.74
C HIS A 543 23.94 16.27 16.15
N SER A 544 24.77 16.04 17.17
CA SER A 544 24.44 16.50 18.52
C SER A 544 25.10 17.82 18.84
N GLN A 545 26.16 18.19 18.12
CA GLN A 545 26.84 19.47 18.31
C GLN A 545 26.44 20.54 17.30
N VAL A 546 26.04 20.14 16.10
CA VAL A 546 25.60 21.05 15.06
C VAL A 546 24.11 20.81 14.84
N VAL A 547 23.27 21.72 15.34
CA VAL A 547 21.82 21.56 15.29
C VAL A 547 21.23 22.78 14.60
N SER A 548 20.18 22.55 13.82
CA SER A 548 19.58 23.61 13.02
C SER A 548 18.07 23.57 13.17
N VAL A 549 17.46 24.72 12.91
CA VAL A 549 16.00 24.85 12.83
C VAL A 549 15.66 25.07 11.36
N GLY A 550 14.92 24.13 10.78
CA GLY A 550 14.67 24.16 9.35
C GLY A 550 13.63 25.18 8.96
N GLN A 551 13.63 25.51 7.67
CA GLN A 551 12.61 26.39 7.11
C GLN A 551 11.31 25.60 6.94
N GLU A 552 10.21 26.17 7.42
CA GLU A 552 8.92 25.49 7.47
C GLU A 552 9.09 24.15 8.18
N PRO A 553 9.28 24.16 9.50
CA PRO A 553 9.64 22.92 10.19
C PRO A 553 8.54 21.87 10.13
N VAL A 554 8.95 20.62 10.29
CA VAL A 554 8.04 19.48 10.23
C VAL A 554 8.15 18.70 11.54
N LEU A 555 7.01 18.26 12.05
CA LEU A 555 6.94 17.47 13.28
C LEU A 555 6.39 16.09 12.98
N PHE A 556 6.63 15.17 13.91
CA PHE A 556 6.20 13.79 13.74
C PHE A 556 5.03 13.49 14.67
N SER A 557 4.23 12.50 14.28
CA SER A 557 3.11 12.08 15.10
C SER A 557 3.60 11.54 16.44
N GLY A 558 2.90 11.90 17.50
CA GLY A 558 3.27 11.51 18.85
C GLY A 558 3.11 12.66 19.82
N SER A 559 3.54 12.40 21.05
CA SER A 559 3.41 13.38 22.10
C SER A 559 4.36 14.56 21.89
N VAL A 560 4.09 15.65 22.59
CA VAL A 560 4.96 16.82 22.55
C VAL A 560 6.34 16.46 23.08
N ARG A 561 6.38 15.64 24.12
CA ARG A 561 7.66 15.24 24.71
C ARG A 561 8.53 14.49 23.70
N ASN A 562 7.93 13.56 22.95
CA ASN A 562 8.71 12.80 21.98
C ASN A 562 9.14 13.65 20.79
N ASN A 563 8.49 14.80 20.58
CA ASN A 563 8.95 15.71 19.53
C ASN A 563 10.06 16.62 20.04
N ILE A 564 9.98 17.06 21.29
CA ILE A 564 11.05 17.87 21.87
C ILE A 564 12.31 17.04 22.06
N ALA A 565 12.16 15.84 22.60
CA ALA A 565 13.31 14.97 22.86
C ALA A 565 13.60 14.06 21.68
N TYR A 566 13.23 14.49 20.48
CA TYR A 566 13.43 13.68 19.29
C TYR A 566 14.90 13.37 19.06
N GLY A 567 15.20 12.10 18.79
CA GLY A 567 16.55 11.69 18.48
C GLY A 567 17.45 11.44 19.67
N LEU A 568 16.93 11.53 20.90
CA LEU A 568 17.71 11.32 22.11
C LEU A 568 17.33 10.00 22.75
N GLN A 569 18.34 9.21 23.13
CA GLN A 569 18.07 7.92 23.77
C GLN A 569 17.49 8.12 25.17
N SER A 570 18.05 9.02 25.95
CA SER A 570 17.59 9.28 27.31
C SER A 570 17.56 10.78 27.56
N CYS A 571 16.42 11.28 28.03
CA CYS A 571 16.26 12.69 28.32
C CYS A 571 15.37 12.85 29.55
N GLU A 572 15.83 13.68 30.49
CA GLU A 572 15.07 13.95 31.70
C GLU A 572 13.91 14.89 31.39
N ASP A 573 12.85 14.79 32.20
CA ASP A 573 11.72 15.70 32.04
C ASP A 573 12.08 17.13 32.44
N ASP A 574 13.02 17.30 33.35
CA ASP A 574 13.45 18.63 33.75
C ASP A 574 14.10 19.37 32.58
N LYS A 575 14.93 18.67 31.80
CA LYS A 575 15.53 19.28 30.62
C LYS A 575 14.48 19.64 29.59
N VAL A 576 13.47 18.79 29.42
CA VAL A 576 12.39 19.08 28.47
C VAL A 576 11.65 20.33 28.90
N MET A 577 11.32 20.44 30.19
CA MET A 577 10.62 21.62 30.67
C MET A 577 11.48 22.88 30.54
N ALA A 578 12.78 22.76 30.82
CA ALA A 578 13.66 23.92 30.69
C ALA A 578 13.77 24.37 29.25
N ALA A 579 13.86 23.43 28.31
CA ALA A 579 13.90 23.78 26.90
C ALA A 579 12.59 24.41 26.44
N ALA A 580 11.46 23.89 26.94
CA ALA A 580 10.16 24.48 26.61
C ALA A 580 10.05 25.91 27.11
N GLN A 581 10.56 26.17 28.32
CA GLN A 581 10.52 27.52 28.86
C GLN A 581 11.49 28.43 28.14
N ALA A 582 12.60 27.88 27.65
CA ALA A 582 13.58 28.70 26.93
C ALA A 582 13.02 29.23 25.63
N ALA A 583 12.13 28.49 24.99
CA ALA A 583 11.51 28.89 23.73
C ALA A 583 10.13 29.50 23.92
N HIS A 584 9.75 29.82 25.16
CA HIS A 584 8.42 30.37 25.47
C HIS A 584 7.32 29.45 24.97
N ALA A 585 7.48 28.15 25.23
CA ALA A 585 6.50 27.16 24.80
C ALA A 585 5.61 26.67 25.94
N ASP A 586 5.97 26.94 27.19
CA ASP A 586 5.19 26.42 28.31
C ASP A 586 3.79 27.02 28.35
N ASP A 587 3.67 28.32 28.05
CA ASP A 587 2.42 29.04 28.23
C ASP A 587 1.29 28.52 27.35
N PHE A 588 1.61 27.78 26.28
CA PHE A 588 0.57 27.12 25.50
C PHE A 588 0.57 25.60 25.68
N ILE A 589 1.66 25.04 26.20
CA ILE A 589 1.66 23.62 26.54
C ILE A 589 0.73 23.35 27.71
N GLN A 590 0.71 24.26 28.69
CA GLN A 590 -0.15 24.07 29.86
C GLN A 590 -1.63 24.04 29.50
N GLU A 591 -2.02 24.57 28.35
CA GLU A 591 -3.42 24.61 27.94
C GLU A 591 -3.86 23.38 27.16
N MET A 592 -2.96 22.44 26.90
CA MET A 592 -3.32 21.24 26.17
C MET A 592 -4.05 20.26 27.08
N GLU A 593 -4.55 19.18 26.47
CA GLU A 593 -5.33 18.20 27.23
C GLU A 593 -4.48 17.51 28.29
N HIS A 594 -3.26 17.11 27.94
CA HIS A 594 -2.42 16.36 28.85
C HIS A 594 -1.03 16.98 28.96
N GLY A 595 -0.92 18.28 28.72
CA GLY A 595 0.38 18.92 28.78
C GLY A 595 1.34 18.36 27.76
N ILE A 596 2.55 18.06 28.21
CA ILE A 596 3.59 17.55 27.32
C ILE A 596 3.29 16.15 26.80
N TYR A 597 2.22 15.51 27.26
CA TYR A 597 1.83 14.21 26.78
C TYR A 597 0.73 14.27 25.72
N THR A 598 0.37 15.46 25.26
CA THR A 598 -0.67 15.60 24.26
C THR A 598 -0.13 15.24 22.87
N ASP A 599 -0.96 14.56 22.09
CA ASP A 599 -0.58 14.21 20.73
C ASP A 599 -0.72 15.41 19.81
N VAL A 600 0.23 15.57 18.89
CA VAL A 600 0.22 16.72 17.98
C VAL A 600 -0.34 16.39 16.61
N GLY A 601 -0.61 15.12 16.33
CA GLY A 601 -1.15 14.72 15.04
C GLY A 601 -0.10 14.63 13.96
N GLU A 602 -0.52 14.10 12.82
CA GLU A 602 0.39 13.93 11.69
C GLU A 602 0.87 15.29 11.20
N LYS A 603 2.19 15.39 10.98
CA LYS A 603 2.86 16.61 10.54
C LYS A 603 2.63 17.78 11.47
N GLY A 604 2.22 17.54 12.72
CA GLY A 604 1.89 18.63 13.61
C GLY A 604 0.72 19.46 13.16
N SER A 605 -0.27 18.84 12.51
CA SER A 605 -1.39 19.58 11.95
C SER A 605 -2.39 20.05 13.00
N GLN A 606 -2.29 19.57 14.23
CA GLN A 606 -3.19 20.00 15.30
C GLN A 606 -2.61 21.15 16.10
N LEU A 607 -1.73 21.95 15.52
CA LEU A 607 -1.10 23.07 16.18
C LEU A 607 -1.16 24.31 15.29
N ALA A 608 -1.09 25.48 15.93
CA ALA A 608 -0.87 26.70 15.17
C ALA A 608 0.55 26.73 14.63
N ALA A 609 0.77 27.56 13.62
CA ALA A 609 2.10 27.65 13.00
C ALA A 609 3.14 28.15 14.00
N GLY A 610 2.79 29.15 14.80
CA GLY A 610 3.73 29.66 15.78
C GLY A 610 4.07 28.64 16.85
N GLN A 611 3.07 27.87 17.29
CA GLN A 611 3.32 26.83 18.27
C GLN A 611 4.24 25.75 17.71
N LYS A 612 4.00 25.35 16.46
CA LYS A 612 4.87 24.37 15.82
C LYS A 612 6.29 24.89 15.71
N GLN A 613 6.45 26.17 15.35
CA GLN A 613 7.78 26.74 15.23
C GLN A 613 8.49 26.83 16.59
N ARG A 614 7.74 27.15 17.64
CA ARG A 614 8.32 27.18 18.98
C ARG A 614 8.76 25.78 19.41
N LEU A 615 7.95 24.77 19.11
CA LEU A 615 8.38 23.40 19.41
C LEU A 615 9.62 23.02 18.62
N ALA A 616 9.72 23.46 17.36
CA ALA A 616 10.94 23.20 16.59
C ALA A 616 12.15 23.88 17.21
N ILE A 617 11.99 25.10 17.71
CA ILE A 617 13.09 25.79 18.38
C ILE A 617 13.51 25.05 19.65
N ALA A 618 12.52 24.59 20.43
CA ALA A 618 12.83 23.86 21.65
C ALA A 618 13.53 22.54 21.36
N ARG A 619 13.13 21.88 20.27
CA ARG A 619 13.80 20.64 19.87
C ARG A 619 15.29 20.85 19.63
N ALA A 620 15.67 22.05 19.18
CA ALA A 620 17.09 22.33 18.96
C ALA A 620 17.76 22.80 20.25
N LEU A 621 17.04 23.55 21.08
CA LEU A 621 17.64 24.09 22.29
C LEU A 621 17.85 23.03 23.36
N VAL A 622 17.10 21.92 23.29
CA VAL A 622 17.24 20.88 24.32
C VAL A 622 18.58 20.17 24.24
N ARG A 623 19.30 20.28 23.12
CA ARG A 623 20.52 19.52 22.92
C ARG A 623 21.78 20.25 23.40
N ASP A 624 21.69 21.54 23.71
CA ASP A 624 22.85 22.36 24.02
C ASP A 624 23.92 22.26 22.93
N PRO A 625 23.63 22.74 21.73
CA PRO A 625 24.58 22.58 20.62
C PRO A 625 25.72 23.56 20.70
N ARG A 626 26.87 23.16 20.13
CA ARG A 626 27.99 24.07 19.98
C ARG A 626 27.76 25.05 18.84
N VAL A 627 27.17 24.58 17.74
CA VAL A 627 26.88 25.41 16.58
C VAL A 627 25.37 25.34 16.34
N LEU A 628 24.73 26.51 16.27
CA LEU A 628 23.29 26.61 16.07
C LEU A 628 23.01 27.35 14.79
N ILE A 629 22.12 26.79 13.97
CA ILE A 629 21.75 27.37 12.68
C ILE A 629 20.26 27.69 12.73
N LEU A 630 19.92 28.95 12.49
CA LEU A 630 18.53 29.41 12.51
C LEU A 630 18.15 29.79 11.08
N ASP A 631 17.46 28.88 10.40
CA ASP A 631 17.03 29.10 9.02
C ASP A 631 15.65 29.77 9.04
N GLN A 632 15.66 31.08 9.31
CA GLN A 632 14.45 31.88 9.40
C GLN A 632 13.48 31.30 10.43
N ALA A 633 14.01 31.05 11.63
CA ALA A 633 13.25 30.37 12.67
C ALA A 633 12.15 31.22 13.27
N THR A 634 12.09 32.52 12.97
CA THR A 634 11.07 33.40 13.51
C THR A 634 10.13 33.93 12.44
N SER A 635 9.93 33.18 11.35
CA SER A 635 9.05 33.65 10.28
C SER A 635 7.60 33.77 10.74
N ALA A 636 7.10 32.78 11.48
CA ALA A 636 5.71 32.74 11.88
C ALA A 636 5.46 33.33 13.26
N LEU A 637 6.50 33.67 14.00
CA LEU A 637 6.33 34.21 15.34
C LEU A 637 5.78 35.62 15.29
N ASP A 638 4.96 35.97 16.28
CA ASP A 638 4.38 37.31 16.32
C ASP A 638 5.44 38.33 16.74
N VAL A 639 5.03 39.60 16.74
CA VAL A 639 5.96 40.68 17.03
C VAL A 639 6.48 40.57 18.47
N GLN A 640 5.58 40.32 19.42
CA GLN A 640 5.98 40.32 20.83
C GLN A 640 6.97 39.19 21.13
N CYS A 641 6.69 37.99 20.62
CA CYS A 641 7.54 36.84 20.94
C CYS A 641 8.90 36.94 20.26
N GLU A 642 8.97 37.57 19.09
CA GLU A 642 10.25 37.70 18.39
C GLU A 642 11.23 38.56 19.19
N GLN A 643 10.73 39.57 19.90
CA GLN A 643 11.62 40.41 20.71
C GLN A 643 12.25 39.60 21.84
N ALA A 644 11.48 38.72 22.47
CA ALA A 644 11.94 37.95 23.61
C ALA A 644 12.82 36.77 23.24
N LEU A 645 13.32 36.67 22.00
CA LEU A 645 14.16 35.56 21.59
C LEU A 645 15.44 35.97 20.88
N GLN A 646 15.73 37.27 20.79
CA GLN A 646 16.94 37.72 20.10
C GLN A 646 18.20 37.41 20.88
N ASP A 647 18.10 36.97 22.13
CA ASP A 647 19.25 36.61 22.95
C ASP A 647 19.79 35.22 22.63
N TRP A 648 20.17 34.97 21.38
CA TRP A 648 20.60 33.63 21.00
C TRP A 648 21.92 33.24 21.64
N ASN A 649 22.79 34.21 21.90
CA ASN A 649 24.13 33.94 22.41
C ASN A 649 24.39 34.70 23.69
N SER A 650 23.45 34.63 24.64
CA SER A 650 23.61 35.32 25.91
C SER A 650 24.83 34.82 26.68
N ARG A 651 25.08 33.51 26.66
CA ARG A 651 26.23 32.95 27.36
C ARG A 651 27.55 33.15 26.61
N GLY A 652 27.48 33.48 25.32
CA GLY A 652 28.70 33.74 24.57
C GLY A 652 29.56 32.52 24.32
N ASP A 653 28.97 31.32 24.33
CA ASP A 653 29.72 30.10 24.13
C ASP A 653 29.35 29.37 22.85
N ARG A 654 28.27 29.75 22.18
CA ARG A 654 27.83 29.09 20.97
C ARG A 654 28.41 29.76 19.72
N THR A 655 28.26 29.09 18.59
CA THR A 655 28.44 29.69 17.29
C THR A 655 27.08 29.72 16.61
N VAL A 656 26.62 30.92 16.25
CA VAL A 656 25.26 31.11 15.77
C VAL A 656 25.30 31.65 14.35
N LEU A 657 24.56 31.02 13.46
CA LEU A 657 24.34 31.51 12.10
C LEU A 657 22.85 31.80 11.93
N VAL A 658 22.53 33.03 11.54
CA VAL A 658 21.16 33.47 11.43
C VAL A 658 20.87 33.77 9.97
N ILE A 659 19.86 33.11 9.42
CA ILE A 659 19.39 33.34 8.06
C ILE A 659 18.07 34.08 8.15
N ALA A 660 17.97 35.22 7.49
CA ALA A 660 16.77 36.03 7.61
C ALA A 660 16.61 36.92 6.39
N HIS A 661 15.35 37.32 6.15
CA HIS A 661 15.01 38.33 5.17
C HIS A 661 14.75 39.69 5.81
N ARG A 662 14.26 39.70 7.05
CA ARG A 662 13.92 40.93 7.74
C ARG A 662 15.19 41.64 8.20
N LEU A 663 15.29 42.94 7.88
CA LEU A 663 16.44 43.74 8.25
C LEU A 663 16.42 44.13 9.72
N GLN A 664 15.35 43.84 10.45
CA GLN A 664 15.26 44.21 11.85
C GLN A 664 16.17 43.33 12.72
N THR A 665 16.14 42.02 12.48
CA THR A 665 16.86 41.10 13.36
C THR A 665 18.35 41.07 13.07
N VAL A 666 18.77 41.50 11.88
CA VAL A 666 20.19 41.48 11.53
C VAL A 666 20.96 42.54 12.30
N GLN A 667 20.27 43.52 12.89
CA GLN A 667 20.95 44.61 13.60
C GLN A 667 21.76 44.10 14.79
N ARG A 668 21.40 42.95 15.35
CA ARG A 668 22.11 42.39 16.50
C ARG A 668 23.39 41.65 16.11
N ALA A 669 23.62 41.45 14.82
CA ALA A 669 24.73 40.61 14.36
C ALA A 669 26.06 41.36 14.41
N HIS A 670 27.13 40.60 14.57
CA HIS A 670 28.49 41.15 14.52
C HIS A 670 29.11 41.05 13.14
N GLN A 671 28.73 40.06 12.35
CA GLN A 671 29.22 39.87 10.99
C GLN A 671 28.02 39.66 10.09
N ILE A 672 27.96 40.40 8.98
CA ILE A 672 26.86 40.34 8.04
C ILE A 672 27.40 39.88 6.70
N LEU A 673 26.81 38.81 6.16
CA LEU A 673 27.19 38.27 4.87
C LEU A 673 26.02 38.45 3.91
N VAL A 674 26.28 39.05 2.75
CA VAL A 674 25.27 39.29 1.74
C VAL A 674 25.53 38.33 0.58
N LEU A 675 24.55 37.50 0.27
CA LEU A 675 24.67 36.48 -0.77
C LEU A 675 23.76 36.85 -1.93
N GLN A 676 24.34 36.98 -3.12
CA GLN A 676 23.58 37.31 -4.32
C GLN A 676 24.02 36.40 -5.45
N GLU A 677 23.04 35.80 -6.12
CA GLU A 677 23.23 34.92 -7.29
C GLU A 677 24.27 33.82 -7.03
N GLY A 678 24.55 33.53 -5.77
CA GLY A 678 25.49 32.48 -5.42
C GLY A 678 26.88 32.93 -5.10
N LYS A 679 27.13 34.24 -5.01
CA LYS A 679 28.44 34.78 -4.67
C LYS A 679 28.30 35.83 -3.58
N LEU A 680 29.26 35.83 -2.66
CA LEU A 680 29.25 36.82 -1.59
C LEU A 680 29.63 38.20 -2.13
N GLN A 681 28.81 39.20 -1.84
CA GLN A 681 29.10 40.55 -2.26
C GLN A 681 30.01 41.24 -1.24
N LYS A 682 30.72 42.26 -1.70
CA LYS A 682 31.59 43.05 -0.83
C LYS A 682 30.77 44.02 0.01
N ARG B 95 -23.00 -50.18 -20.80
CA ARG B 95 -23.98 -50.20 -19.74
C ARG B 95 -23.59 -49.73 -18.33
N PHE B 96 -24.15 -50.37 -17.31
CA PHE B 96 -23.89 -49.98 -15.92
C PHE B 96 -22.36 -49.86 -15.45
N LYS B 97 -21.62 -50.81 -16.04
CA LYS B 97 -20.23 -51.01 -15.69
C LYS B 97 -19.17 -49.91 -15.77
N ILE B 98 -18.22 -49.97 -14.85
CA ILE B 98 -17.19 -48.92 -14.71
C ILE B 98 -15.94 -49.32 -15.48
N CYS B 99 -15.36 -48.36 -16.21
CA CYS B 99 -14.07 -48.53 -16.85
C CYS B 99 -12.97 -48.04 -15.92
N PRO B 100 -12.03 -48.88 -15.51
CA PRO B 100 -10.98 -48.40 -14.59
C PRO B 100 -10.14 -47.26 -15.15
N TYR B 101 -9.86 -47.28 -16.46
CA TYR B 101 -9.03 -46.23 -17.06
C TYR B 101 -9.75 -44.88 -17.01
N HIS B 102 -11.02 -44.85 -17.39
CA HIS B 102 -11.77 -43.60 -17.34
C HIS B 102 -11.99 -43.16 -15.91
N TRP B 103 -12.15 -44.11 -14.98
CA TRP B 103 -12.29 -43.75 -13.58
C TRP B 103 -11.16 -42.98 -12.92
N TYR B 104 -9.94 -43.40 -13.24
CA TYR B 104 -8.69 -42.76 -12.73
C TYR B 104 -8.52 -41.45 -13.50
N LYS B 105 -8.91 -41.46 -14.78
CA LYS B 105 -8.86 -40.19 -15.56
C LYS B 105 -9.70 -39.19 -14.78
N GLN B 106 -10.90 -39.59 -14.39
CA GLN B 106 -11.73 -38.69 -13.57
C GLN B 106 -11.05 -38.35 -12.25
N HIS B 107 -10.41 -39.33 -11.62
CA HIS B 107 -9.71 -39.08 -10.37
C HIS B 107 -8.59 -38.07 -10.55
N MET B 108 -7.80 -38.22 -11.62
CA MET B 108 -6.71 -37.28 -11.87
C MET B 108 -7.23 -35.90 -12.22
N SER B 109 -8.34 -35.83 -12.94
CA SER B 109 -8.96 -34.54 -13.22
C SER B 109 -9.43 -33.85 -11.95
N LEU B 110 -10.02 -34.61 -11.02
CA LEU B 110 -10.41 -34.03 -9.74
C LEU B 110 -9.21 -33.62 -8.91
N LEU B 111 -8.08 -34.32 -9.06
CA LEU B 111 -6.90 -34.04 -8.25
C LEU B 111 -6.13 -32.80 -8.73
N PHE B 112 -5.94 -32.68 -10.04
CA PHE B 112 -5.06 -31.62 -10.56
C PHE B 112 -5.76 -30.28 -10.79
N ARG B 113 -7.05 -30.15 -10.47
CA ARG B 113 -7.68 -28.84 -10.59
C ARG B 113 -7.03 -27.84 -9.65
N ARG B 114 -6.52 -28.31 -8.51
CA ARG B 114 -5.93 -27.43 -7.50
C ARG B 114 -4.49 -27.02 -7.79
N TYR B 115 -3.83 -27.64 -8.78
CA TYR B 115 -2.44 -27.30 -9.06
C TYR B 115 -2.31 -26.06 -9.94
N TYR B 116 -2.91 -26.07 -11.13
CA TYR B 116 -2.81 -24.95 -12.04
C TYR B 116 -3.58 -23.73 -11.56
N HIS B 117 -4.58 -23.92 -10.69
CA HIS B 117 -5.31 -22.82 -10.08
C HIS B 117 -5.36 -23.02 -8.58
N LYS B 118 -5.21 -21.93 -7.84
CA LYS B 118 -5.23 -21.96 -6.37
C LYS B 118 -4.13 -22.87 -5.83
N LEU B 119 -2.89 -22.60 -6.24
CA LEU B 119 -1.75 -23.38 -5.75
C LEU B 119 -1.56 -23.20 -4.24
N ASP B 120 -2.11 -22.12 -3.69
CA ASP B 120 -2.00 -21.88 -2.26
C ASP B 120 -2.64 -23.01 -1.46
N SER B 121 -3.72 -23.60 -1.97
CA SER B 121 -4.45 -24.61 -1.22
C SER B 121 -3.64 -25.89 -1.05
N ILE B 122 -2.65 -26.12 -1.90
CA ILE B 122 -1.90 -27.38 -1.87
C ILE B 122 -0.74 -27.36 -0.88
N ILE B 123 -0.29 -26.18 -0.45
CA ILE B 123 0.87 -26.03 0.42
C ILE B 123 0.87 -26.99 1.61
N ASN C 171 -24.45 -12.67 7.82
CA ASN C 171 -24.90 -11.41 7.22
C ASN C 171 -23.85 -10.76 6.29
N PRO C 172 -22.60 -10.62 6.74
CA PRO C 172 -21.59 -9.98 5.86
C PRO C 172 -21.32 -10.75 4.57
N VAL C 173 -21.62 -12.06 4.54
CA VAL C 173 -21.41 -12.84 3.32
C VAL C 173 -22.28 -12.30 2.18
N ARG C 174 -23.52 -11.93 2.49
CA ARG C 174 -24.37 -11.33 1.48
C ARG C 174 -23.84 -9.97 1.02
N ARG C 175 -23.25 -9.20 1.94
CA ARG C 175 -22.62 -7.94 1.56
C ARG C 175 -21.46 -8.18 0.60
N LEU C 176 -20.66 -9.22 0.86
CA LEU C 176 -19.58 -9.58 -0.05
C LEU C 176 -20.13 -9.95 -1.42
N LEU C 177 -21.14 -10.83 -1.44
CA LEU C 177 -21.64 -11.36 -2.71
C LEU C 177 -22.46 -10.34 -3.48
N GLY C 178 -22.89 -9.25 -2.84
CA GLY C 178 -23.65 -8.22 -3.54
C GLY C 178 -22.88 -7.55 -4.66
N CYS C 179 -21.56 -7.51 -4.59
CA CYS C 179 -20.76 -6.83 -5.60
C CYS C 179 -20.81 -7.56 -6.95
N LEU C 180 -21.25 -8.82 -6.98
CA LEU C 180 -21.34 -9.56 -8.23
C LEU C 180 -22.65 -9.32 -8.98
N GLY C 181 -23.54 -8.48 -8.44
CA GLY C 181 -24.83 -8.27 -9.06
C GLY C 181 -24.79 -7.55 -10.39
N SER C 182 -23.66 -6.92 -10.74
CA SER C 182 -23.56 -6.19 -11.99
C SER C 182 -23.12 -7.06 -13.16
N GLU C 183 -22.77 -8.32 -12.93
CA GLU C 183 -22.23 -9.18 -13.98
C GLU C 183 -22.96 -10.52 -14.10
N THR C 184 -24.19 -10.62 -13.62
CA THR C 184 -24.84 -11.92 -13.48
C THR C 184 -24.92 -12.68 -14.80
N ARG C 185 -25.07 -11.98 -15.92
CA ARG C 185 -25.19 -12.66 -17.21
C ARG C 185 -23.90 -13.41 -17.56
N ARG C 186 -22.74 -12.79 -17.33
CA ARG C 186 -21.49 -13.44 -17.67
C ARG C 186 -21.21 -14.62 -16.76
N LEU C 187 -21.51 -14.51 -15.47
CA LEU C 187 -21.37 -15.66 -14.58
C LEU C 187 -22.32 -16.78 -14.95
N SER C 188 -23.53 -16.44 -15.39
CA SER C 188 -24.46 -17.48 -15.84
C SER C 188 -23.90 -18.20 -17.07
N LEU C 189 -23.35 -17.45 -18.01
CA LEU C 189 -22.74 -18.08 -19.18
C LEU C 189 -21.55 -18.95 -18.77
N PHE C 190 -20.75 -18.49 -17.82
CA PHE C 190 -19.62 -19.28 -17.34
C PHE C 190 -20.11 -20.58 -16.70
N LEU C 191 -21.18 -20.51 -15.90
CA LEU C 191 -21.74 -21.70 -15.29
C LEU C 191 -22.25 -22.67 -16.33
N VAL C 192 -22.91 -22.16 -17.37
CA VAL C 192 -23.39 -23.02 -18.45
C VAL C 192 -22.23 -23.73 -19.12
N LEU C 193 -21.15 -22.99 -19.41
CA LEU C 193 -19.98 -23.59 -20.04
C LEU C 193 -19.35 -24.65 -19.14
N VAL C 194 -19.29 -24.38 -17.84
CA VAL C 194 -18.70 -25.35 -16.91
C VAL C 194 -19.52 -26.63 -16.89
N VAL C 195 -20.85 -26.50 -16.82
CA VAL C 195 -21.72 -27.68 -16.80
C VAL C 195 -21.56 -28.46 -18.10
N LEU C 196 -21.51 -27.76 -19.23
CA LEU C 196 -21.38 -28.43 -20.51
C LEU C 196 -20.05 -29.18 -20.62
N SER C 197 -18.97 -28.57 -20.15
CA SER C 197 -17.67 -29.26 -20.17
C SER C 197 -17.66 -30.47 -19.25
N SER C 198 -18.26 -30.35 -18.07
CA SER C 198 -18.31 -31.46 -17.14
C SER C 198 -19.09 -32.63 -17.75
N LEU C 199 -20.23 -32.35 -18.37
CA LEU C 199 -21.01 -33.41 -19.00
C LEU C 199 -20.29 -34.01 -20.20
N GLY C 200 -19.62 -33.18 -20.99
CA GLY C 200 -18.86 -33.71 -22.12
C GLY C 200 -17.73 -34.62 -21.71
N GLU C 201 -17.09 -34.31 -20.57
CA GLU C 201 -16.01 -35.18 -20.08
C GLU C 201 -16.57 -36.42 -19.40
N MET C 202 -17.76 -36.30 -18.78
CA MET C 202 -18.32 -37.41 -18.02
C MET C 202 -18.87 -38.52 -18.91
N ALA C 203 -19.37 -38.20 -20.11
CA ALA C 203 -20.10 -39.17 -20.92
C ALA C 203 -19.20 -40.10 -21.73
N ILE C 204 -17.87 -39.96 -21.63
CA ILE C 204 -16.99 -40.77 -22.48
C ILE C 204 -17.10 -42.27 -22.23
N PRO C 205 -17.13 -42.79 -20.98
CA PRO C 205 -17.13 -44.25 -20.84
C PRO C 205 -18.33 -44.93 -21.45
N PHE C 206 -19.50 -44.28 -21.42
CA PHE C 206 -20.70 -44.88 -22.00
C PHE C 206 -20.59 -45.05 -23.50
N PHE C 207 -19.69 -44.31 -24.15
CA PHE C 207 -19.58 -44.31 -25.61
C PHE C 207 -18.38 -45.09 -26.11
N THR C 208 -17.49 -45.56 -25.24
CA THR C 208 -16.31 -46.28 -25.68
C THR C 208 -16.04 -47.58 -24.95
N GLY C 209 -16.83 -47.94 -23.94
CA GLY C 209 -16.67 -49.22 -23.31
C GLY C 209 -15.50 -49.31 -22.33
N ARG C 210 -15.06 -50.56 -22.11
CA ARG C 210 -14.06 -50.89 -21.11
C ARG C 210 -12.63 -50.63 -21.55
N LEU C 211 -12.38 -50.36 -22.82
CA LEU C 211 -11.04 -50.24 -23.40
C LEU C 211 -10.39 -51.61 -23.51
N THR C 212 -11.02 -52.62 -22.91
CA THR C 212 -10.61 -54.00 -23.16
C THR C 212 -11.45 -54.64 -24.26
N ASP C 213 -12.63 -54.06 -24.54
CA ASP C 213 -13.42 -54.51 -25.67
C ASP C 213 -12.78 -54.13 -27.00
N TRP C 214 -11.85 -53.18 -26.99
CA TRP C 214 -11.18 -52.73 -28.20
C TRP C 214 -10.31 -53.84 -28.77
N PHE C 224 -11.02 -50.38 -33.64
CA PHE C 224 -10.17 -49.68 -32.69
C PHE C 224 -10.12 -48.19 -33.02
N THR C 225 -10.19 -47.88 -34.32
CA THR C 225 -10.01 -46.51 -34.77
C THR C 225 -11.16 -45.60 -34.34
N ARG C 226 -12.40 -46.09 -34.44
CA ARG C 226 -13.55 -45.23 -34.17
C ARG C 226 -13.60 -44.82 -32.70
N ASN C 227 -13.40 -45.77 -31.78
CA ASN C 227 -13.45 -45.45 -30.36
C ASN C 227 -12.31 -44.52 -29.98
N LEU C 228 -11.18 -44.64 -30.66
CA LEU C 228 -10.05 -43.76 -30.39
C LEU C 228 -10.34 -42.33 -30.85
N THR C 229 -10.84 -42.19 -32.08
CA THR C 229 -11.13 -40.87 -32.62
C THR C 229 -12.24 -40.18 -31.86
N LEU C 230 -13.21 -40.95 -31.34
CA LEU C 230 -14.30 -40.36 -30.58
C LEU C 230 -13.78 -39.65 -29.33
N MET C 231 -12.93 -40.35 -28.56
CA MET C 231 -12.40 -39.72 -27.36
C MET C 231 -11.41 -38.61 -27.70
N SER C 232 -10.71 -38.71 -28.83
CA SER C 232 -9.90 -37.59 -29.30
C SER C 232 -10.74 -36.33 -29.47
N ILE C 233 -11.84 -36.45 -30.21
CA ILE C 233 -12.68 -35.29 -30.49
C ILE C 233 -13.27 -34.75 -29.19
N LEU C 234 -13.74 -35.65 -28.32
CA LEU C 234 -14.33 -35.20 -27.06
C LEU C 234 -13.32 -34.48 -26.18
N THR C 235 -12.08 -34.99 -26.11
CA THR C 235 -11.05 -34.31 -25.31
C THR C 235 -10.75 -32.93 -25.87
N ILE C 236 -10.63 -32.81 -27.20
CA ILE C 236 -10.34 -31.50 -27.79
C ILE C 236 -11.48 -30.53 -27.50
N ALA C 237 -12.73 -30.99 -27.65
CA ALA C 237 -13.88 -30.12 -27.40
C ALA C 237 -13.91 -29.65 -25.95
N SER C 238 -13.66 -30.57 -25.01
CA SER C 238 -13.65 -30.20 -23.61
C SER C 238 -12.54 -29.18 -23.30
N ALA C 239 -11.36 -29.37 -23.88
CA ALA C 239 -10.27 -28.42 -23.64
C ALA C 239 -10.62 -27.04 -24.17
N VAL C 240 -11.21 -26.97 -25.37
CA VAL C 240 -11.58 -25.67 -25.93
C VAL C 240 -12.65 -25.00 -25.07
N LEU C 241 -13.64 -25.78 -24.62
CA LEU C 241 -14.68 -25.20 -23.78
C LEU C 241 -14.12 -24.67 -22.47
N GLU C 242 -13.20 -25.40 -21.86
CA GLU C 242 -12.55 -24.94 -20.64
C GLU C 242 -11.78 -23.64 -20.88
N PHE C 243 -11.08 -23.56 -22.01
CA PHE C 243 -10.36 -22.33 -22.35
C PHE C 243 -11.32 -21.15 -22.45
N VAL C 244 -12.43 -21.33 -23.15
CA VAL C 244 -13.39 -20.23 -23.32
C VAL C 244 -13.96 -19.80 -21.96
N GLY C 245 -14.34 -20.77 -21.13
CA GLY C 245 -14.89 -20.44 -19.83
C GLY C 245 -13.92 -19.68 -18.96
N ASP C 246 -12.67 -20.14 -18.91
CA ASP C 246 -11.66 -19.45 -18.12
C ASP C 246 -11.42 -18.04 -18.64
N GLY C 247 -11.39 -17.87 -19.97
CA GLY C 247 -11.23 -16.53 -20.51
C GLY C 247 -12.34 -15.60 -20.07
N ILE C 248 -13.59 -16.04 -20.15
CA ILE C 248 -14.70 -15.19 -19.75
C ILE C 248 -14.62 -14.84 -18.27
N TYR C 249 -14.34 -15.83 -17.43
CA TYR C 249 -14.29 -15.60 -15.99
C TYR C 249 -13.19 -14.62 -15.62
N ASN C 250 -12.00 -14.80 -16.19
CA ASN C 250 -10.87 -13.91 -15.89
C ASN C 250 -11.10 -12.52 -16.45
N ASN C 251 -11.87 -12.40 -17.54
CA ASN C 251 -12.20 -11.07 -18.03
C ASN C 251 -13.15 -10.36 -17.08
N THR C 252 -14.12 -11.08 -16.53
CA THR C 252 -15.10 -10.43 -15.65
C THR C 252 -14.48 -10.04 -14.32
N MET C 253 -13.60 -10.88 -13.77
CA MET C 253 -13.07 -10.61 -12.44
C MET C 253 -12.22 -9.35 -12.39
N GLY C 254 -11.49 -9.03 -13.47
CA GLY C 254 -10.73 -7.79 -13.49
C GLY C 254 -11.60 -6.56 -13.44
N HIS C 255 -12.71 -6.56 -14.17
CA HIS C 255 -13.67 -5.46 -14.08
C HIS C 255 -14.19 -5.33 -12.67
N VAL C 256 -14.53 -6.45 -12.04
CA VAL C 256 -15.05 -6.40 -10.67
C VAL C 256 -14.02 -5.77 -9.74
N HIS C 257 -12.77 -6.22 -9.83
CA HIS C 257 -11.71 -5.72 -8.95
C HIS C 257 -11.49 -4.23 -9.13
N SER C 258 -11.36 -3.78 -10.38
CA SER C 258 -11.12 -2.36 -10.63
C SER C 258 -12.29 -1.51 -10.16
N HIS C 259 -13.51 -1.94 -10.42
CA HIS C 259 -14.68 -1.18 -9.96
C HIS C 259 -14.70 -1.07 -8.44
N LEU C 260 -14.39 -2.16 -7.75
CA LEU C 260 -14.38 -2.12 -6.29
C LEU C 260 -13.35 -1.14 -5.76
N GLN C 261 -12.12 -1.18 -6.31
CA GLN C 261 -11.10 -0.26 -5.84
C GLN C 261 -11.49 1.19 -6.10
N GLY C 262 -12.00 1.47 -7.30
CA GLY C 262 -12.40 2.83 -7.62
C GLY C 262 -13.49 3.36 -6.71
N GLU C 263 -14.50 2.53 -6.44
CA GLU C 263 -15.57 2.98 -5.56
C GLU C 263 -15.12 3.12 -4.12
N VAL C 264 -14.17 2.29 -3.66
CA VAL C 264 -13.65 2.47 -2.32
C VAL C 264 -12.93 3.81 -2.20
N PHE C 265 -12.09 4.15 -3.19
CA PHE C 265 -11.40 5.43 -3.15
C PHE C 265 -12.38 6.59 -3.20
N GLY C 266 -13.39 6.50 -4.06
CA GLY C 266 -14.39 7.54 -4.14
C GLY C 266 -15.13 7.74 -2.84
N ALA C 267 -15.51 6.65 -2.18
CA ALA C 267 -16.19 6.74 -0.89
C ALA C 267 -15.27 7.33 0.18
N VAL C 268 -13.98 7.01 0.13
CA VAL C 268 -13.03 7.57 1.08
C VAL C 268 -12.99 9.09 0.94
N LEU C 269 -12.94 9.58 -0.31
CA LEU C 269 -12.75 11.01 -0.50
C LEU C 269 -13.97 11.85 -0.12
N ARG C 270 -15.11 11.23 0.17
CA ARG C 270 -16.31 12.01 0.50
C ARG C 270 -16.44 12.34 1.97
N GLN C 271 -15.60 11.78 2.83
CA GLN C 271 -15.78 11.95 4.27
C GLN C 271 -15.48 13.38 4.70
N GLU C 272 -15.90 13.72 5.91
CA GLU C 272 -15.67 15.05 6.45
C GLU C 272 -14.19 15.24 6.79
N THR C 273 -13.85 16.48 7.14
CA THR C 273 -12.44 16.86 7.26
C THR C 273 -11.76 16.16 8.43
N GLU C 274 -12.42 16.09 9.59
CA GLU C 274 -11.77 15.52 10.77
C GLU C 274 -11.58 14.01 10.66
N PHE C 275 -12.26 13.36 9.72
CA PHE C 275 -12.02 11.94 9.48
C PHE C 275 -10.57 11.67 9.13
N PHE C 276 -9.94 12.60 8.42
CA PHE C 276 -8.54 12.47 8.06
C PHE C 276 -7.60 12.89 9.17
N GLN C 277 -8.09 13.60 10.19
CA GLN C 277 -7.31 13.77 11.41
C GLN C 277 -7.36 12.52 12.28
N GLN C 278 -8.49 11.81 12.29
CA GLN C 278 -8.59 10.59 13.09
C GLN C 278 -7.85 9.42 12.44
N ASN C 279 -7.86 9.35 11.11
CA ASN C 279 -7.18 8.28 10.39
C ASN C 279 -5.99 8.86 9.64
N GLN C 280 -4.81 8.31 9.92
CA GLN C 280 -3.58 8.80 9.30
C GLN C 280 -3.48 8.36 7.85
N THR C 281 -2.55 8.99 7.13
CA THR C 281 -2.42 8.76 5.69
C THR C 281 -2.06 7.32 5.38
N GLY C 282 -1.11 6.75 6.14
CA GLY C 282 -0.68 5.39 5.87
C GLY C 282 -1.78 4.38 6.06
N ASN C 283 -2.59 4.53 7.10
CA ASN C 283 -3.71 3.62 7.32
C ASN C 283 -4.68 3.67 6.15
N ILE C 284 -5.05 4.87 5.72
CA ILE C 284 -6.00 5.01 4.63
C ILE C 284 -5.44 4.42 3.34
N MET C 285 -4.17 4.69 3.06
CA MET C 285 -3.55 4.15 1.85
C MET C 285 -3.52 2.63 1.88
N SER C 286 -3.17 2.05 3.02
CA SER C 286 -3.13 0.59 3.13
C SER C 286 -4.52 -0.01 2.98
N ARG C 287 -5.54 0.63 3.57
CA ARG C 287 -6.90 0.12 3.44
C ARG C 287 -7.36 0.16 2.00
N VAL C 288 -7.07 1.27 1.30
CA VAL C 288 -7.57 1.44 -0.06
C VAL C 288 -6.84 0.50 -1.02
N THR C 289 -5.52 0.40 -0.92
CA THR C 289 -4.74 -0.28 -1.94
C THR C 289 -4.47 -1.75 -1.64
N GLU C 290 -4.41 -2.15 -0.37
CA GLU C 290 -4.00 -3.50 -0.03
C GLU C 290 -5.17 -4.42 0.34
N ASP C 291 -6.10 -3.95 1.17
CA ASP C 291 -7.22 -4.79 1.58
C ASP C 291 -8.08 -5.19 0.39
N THR C 292 -8.37 -4.23 -0.49
CA THR C 292 -9.22 -4.51 -1.65
C THR C 292 -8.59 -5.56 -2.57
N SER C 293 -7.28 -5.50 -2.79
CA SER C 293 -6.63 -6.48 -3.64
C SER C 293 -6.73 -7.88 -3.05
N THR C 294 -6.50 -8.01 -1.74
CA THR C 294 -6.61 -9.31 -1.10
C THR C 294 -8.03 -9.86 -1.18
N LEU C 295 -9.02 -9.00 -0.90
CA LEU C 295 -10.41 -9.43 -0.97
C LEU C 295 -10.77 -9.90 -2.38
N SER C 296 -10.37 -9.12 -3.40
CA SER C 296 -10.70 -9.47 -4.77
C SER C 296 -10.03 -10.78 -5.19
N ASP C 297 -8.75 -10.95 -4.82
CA ASP C 297 -8.05 -12.18 -5.21
C ASP C 297 -8.69 -13.40 -4.54
N SER C 298 -8.98 -13.30 -3.24
CA SER C 298 -9.60 -14.43 -2.55
C SER C 298 -10.95 -14.77 -3.17
N LEU C 299 -11.76 -13.76 -3.47
CA LEU C 299 -13.04 -14.00 -4.12
C LEU C 299 -12.84 -14.68 -5.46
N SER C 300 -11.89 -14.19 -6.26
CA SER C 300 -11.69 -14.72 -7.61
C SER C 300 -11.32 -16.19 -7.59
N GLU C 301 -10.40 -16.58 -6.70
CA GLU C 301 -10.04 -18.00 -6.64
C GLU C 301 -11.17 -18.84 -6.08
N ASN C 302 -11.75 -18.40 -4.95
CA ASN C 302 -12.65 -19.27 -4.21
C ASN C 302 -13.96 -19.50 -4.96
N LEU C 303 -14.49 -18.47 -5.63
CA LEU C 303 -15.76 -18.65 -6.33
C LEU C 303 -15.63 -19.67 -7.44
N SER C 304 -14.57 -19.58 -8.25
CA SER C 304 -14.35 -20.54 -9.33
C SER C 304 -14.16 -21.94 -8.78
N LEU C 305 -13.34 -22.08 -7.74
CA LEU C 305 -13.11 -23.41 -7.18
C LEU C 305 -14.41 -24.02 -6.67
N PHE C 306 -15.20 -23.22 -5.95
CA PHE C 306 -16.47 -23.68 -5.40
C PHE C 306 -17.42 -24.13 -6.50
N LEU C 307 -17.56 -23.32 -7.56
CA LEU C 307 -18.49 -23.68 -8.63
C LEU C 307 -18.06 -24.96 -9.31
N TRP C 308 -16.77 -25.09 -9.62
CA TRP C 308 -16.29 -26.27 -10.35
C TRP C 308 -16.51 -27.54 -9.54
N TYR C 309 -16.11 -27.51 -8.26
CA TYR C 309 -16.27 -28.72 -7.46
C TYR C 309 -17.72 -29.00 -7.11
N LEU C 310 -18.56 -27.97 -7.01
CA LEU C 310 -19.99 -28.21 -6.79
C LEU C 310 -20.61 -28.92 -7.99
N VAL C 311 -20.24 -28.48 -9.21
CA VAL C 311 -20.77 -29.14 -10.40
C VAL C 311 -20.31 -30.59 -10.46
N ARG C 312 -19.03 -30.83 -10.19
CA ARG C 312 -18.53 -32.21 -10.20
C ARG C 312 -19.22 -33.05 -9.13
N GLY C 313 -19.45 -32.48 -7.95
CA GLY C 313 -20.11 -33.22 -6.89
C GLY C 313 -21.53 -33.60 -7.26
N LEU C 314 -22.27 -32.68 -7.87
CA LEU C 314 -23.63 -33.01 -8.28
C LEU C 314 -23.64 -34.06 -9.38
N CYS C 315 -22.71 -33.96 -10.33
CA CYS C 315 -22.65 -34.96 -11.39
C CYS C 315 -22.32 -36.35 -10.86
N LEU C 316 -21.50 -36.42 -9.80
CA LEU C 316 -21.25 -37.72 -9.18
C LEU C 316 -22.43 -38.18 -8.34
N LEU C 317 -23.12 -37.24 -7.69
CA LEU C 317 -24.26 -37.57 -6.84
C LEU C 317 -25.38 -38.19 -7.65
N GLY C 318 -25.57 -37.72 -8.88
CA GLY C 318 -26.58 -38.32 -9.73
C GLY C 318 -26.33 -39.79 -9.98
N ILE C 319 -25.10 -40.15 -10.35
CA ILE C 319 -24.76 -41.55 -10.58
C ILE C 319 -24.88 -42.35 -9.30
N MET C 320 -24.44 -41.78 -8.18
CA MET C 320 -24.53 -42.49 -6.90
C MET C 320 -25.98 -42.78 -6.54
N LEU C 321 -26.88 -41.81 -6.76
CA LEU C 321 -28.29 -42.02 -6.49
C LEU C 321 -28.86 -43.09 -7.42
N TRP C 322 -28.42 -43.10 -8.68
CA TRP C 322 -28.86 -44.17 -9.58
C TRP C 322 -28.41 -45.53 -9.06
N GLY C 323 -27.20 -45.61 -8.50
CA GLY C 323 -26.70 -46.88 -8.03
C GLY C 323 -27.49 -47.46 -6.88
N SER C 324 -27.80 -46.65 -5.87
CA SER C 324 -28.49 -47.15 -4.68
C SER C 324 -29.13 -45.98 -3.96
N VAL C 325 -30.45 -45.99 -3.84
CA VAL C 325 -31.17 -44.88 -3.20
C VAL C 325 -30.93 -44.87 -1.70
N SER C 326 -30.98 -46.05 -1.06
CA SER C 326 -30.91 -46.12 0.39
C SER C 326 -29.58 -45.59 0.92
N LEU C 327 -28.47 -46.05 0.32
CA LEU C 327 -27.16 -45.57 0.74
C LEU C 327 -26.96 -44.09 0.42
N THR C 328 -27.52 -43.61 -0.69
CA THR C 328 -27.47 -42.18 -0.97
C THR C 328 -28.18 -41.39 0.12
N MET C 329 -29.35 -41.87 0.57
CA MET C 329 -30.08 -41.19 1.63
C MET C 329 -29.30 -41.19 2.93
N VAL C 330 -28.74 -42.33 3.31
CA VAL C 330 -28.01 -42.40 4.57
C VAL C 330 -26.66 -41.71 4.50
N THR C 331 -26.18 -41.39 3.30
CA THR C 331 -25.03 -40.51 3.17
C THR C 331 -25.45 -39.06 3.33
N LEU C 332 -26.53 -38.66 2.64
CA LEU C 332 -26.97 -37.27 2.67
C LEU C 332 -27.44 -36.86 4.06
N ILE C 333 -27.91 -37.81 4.87
CA ILE C 333 -28.40 -37.44 6.19
C ILE C 333 -27.28 -36.97 7.10
N THR C 334 -26.06 -37.48 6.92
CA THR C 334 -24.96 -37.17 7.84
C THR C 334 -24.13 -35.96 7.43
N LEU C 335 -24.39 -35.37 6.26
CA LEU C 335 -23.59 -34.24 5.81
C LEU C 335 -23.61 -33.03 6.75
N PRO C 336 -24.74 -32.58 7.29
CA PRO C 336 -24.71 -31.37 8.15
C PRO C 336 -23.80 -31.49 9.36
N LEU C 337 -23.65 -32.70 9.91
CA LEU C 337 -22.81 -32.86 11.09
C LEU C 337 -21.36 -32.53 10.81
N LEU C 338 -20.88 -32.74 9.58
CA LEU C 338 -19.52 -32.36 9.24
C LEU C 338 -19.37 -30.85 9.19
N PHE C 339 -20.35 -30.16 8.60
CA PHE C 339 -20.29 -28.69 8.54
C PHE C 339 -20.57 -28.05 9.89
N LEU C 340 -21.09 -28.81 10.85
CA LEU C 340 -21.39 -28.24 12.16
C LEU C 340 -20.14 -27.66 12.83
N LEU C 341 -19.03 -28.40 12.80
CA LEU C 341 -17.84 -27.93 13.52
C LEU C 341 -17.25 -26.66 12.93
N PRO C 342 -17.03 -26.54 11.61
CA PRO C 342 -16.47 -25.28 11.08
C PRO C 342 -17.33 -24.07 11.38
N LYS C 343 -18.65 -24.24 11.45
CA LYS C 343 -19.54 -23.12 11.75
C LYS C 343 -19.28 -22.56 13.15
N LYS C 344 -18.75 -23.39 14.06
CA LYS C 344 -18.51 -22.93 15.42
C LYS C 344 -17.33 -21.98 15.49
N VAL C 345 -16.24 -22.31 14.79
CA VAL C 345 -15.02 -21.51 14.88
C VAL C 345 -14.87 -20.48 13.78
N GLY C 346 -15.95 -20.19 13.05
CA GLY C 346 -15.85 -19.21 11.96
C GLY C 346 -15.51 -17.82 12.44
N LYS C 347 -16.13 -17.38 13.55
CA LYS C 347 -15.95 -16.02 14.03
C LYS C 347 -14.50 -15.73 14.40
N TRP C 348 -13.77 -16.74 14.85
CA TRP C 348 -12.40 -16.57 15.30
C TRP C 348 -11.49 -16.14 14.16
N TYR C 349 -11.72 -16.68 12.95
CA TYR C 349 -10.90 -16.28 11.81
C TYR C 349 -11.08 -14.80 11.49
N GLN C 350 -12.32 -14.31 11.53
CA GLN C 350 -12.57 -12.89 11.32
C GLN C 350 -11.88 -12.05 12.38
N LEU C 351 -12.02 -12.47 13.64
CA LEU C 351 -11.42 -11.71 14.74
C LEU C 351 -9.90 -11.73 14.69
N LEU C 352 -9.30 -12.71 14.01
CA LEU C 352 -7.85 -12.70 13.82
C LEU C 352 -7.46 -11.82 12.65
N GLU C 353 -8.20 -11.90 11.53
CA GLU C 353 -7.82 -11.16 10.35
C GLU C 353 -7.96 -9.66 10.55
N VAL C 354 -8.95 -9.24 11.35
CA VAL C 354 -9.08 -7.82 11.66
C VAL C 354 -7.78 -7.30 12.26
N GLN C 355 -7.26 -8.00 13.26
CA GLN C 355 -6.02 -7.58 13.91
C GLN C 355 -4.84 -7.61 12.94
N VAL C 356 -4.79 -8.64 12.09
CA VAL C 356 -3.68 -8.73 11.13
C VAL C 356 -3.65 -7.52 10.22
N ARG C 357 -4.81 -7.17 9.63
CA ARG C 357 -4.87 -6.03 8.73
C ARG C 357 -4.55 -4.74 9.48
N GLU C 358 -5.04 -4.60 10.71
CA GLU C 358 -4.75 -3.40 11.49
C GLU C 358 -3.26 -3.23 11.74
N SER C 359 -2.57 -4.32 12.09
CA SER C 359 -1.13 -4.24 12.32
C SER C 359 -0.39 -3.89 11.04
N LEU C 360 -0.81 -4.46 9.91
CA LEU C 360 -0.17 -4.12 8.64
C LEU C 360 -0.32 -2.63 8.34
N ALA C 361 -1.53 -2.09 8.55
CA ALA C 361 -1.75 -0.67 8.31
C ALA C 361 -0.91 0.20 9.24
N LYS C 362 -0.78 -0.21 10.50
CA LYS C 362 0.03 0.55 11.45
C LYS C 362 1.49 0.59 11.02
N SER C 363 2.02 -0.54 10.53
CA SER C 363 3.39 -0.55 10.03
C SER C 363 3.54 0.33 8.80
N SER C 364 2.56 0.29 7.90
CA SER C 364 2.62 1.11 6.69
C SER C 364 2.64 2.59 7.02
N GLN C 365 1.88 3.01 8.04
CA GLN C 365 1.88 4.41 8.44
C GLN C 365 3.26 4.86 8.90
N VAL C 366 3.94 4.03 9.70
CA VAL C 366 5.28 4.37 10.15
C VAL C 366 6.23 4.49 8.97
N ALA C 367 6.13 3.55 8.02
CA ALA C 367 7.00 3.60 6.85
C ALA C 367 6.79 4.89 6.06
N ILE C 368 5.53 5.25 5.80
CA ILE C 368 5.22 6.45 5.04
C ILE C 368 5.74 7.69 5.76
N GLU C 369 5.47 7.79 7.07
CA GLU C 369 5.87 8.99 7.80
C GLU C 369 7.38 9.12 7.88
N ALA C 370 8.10 8.00 8.01
CA ALA C 370 9.56 8.06 8.04
C ALA C 370 10.10 8.49 6.69
N LEU C 371 9.56 7.95 5.60
CA LEU C 371 10.12 8.25 4.28
C LEU C 371 9.76 9.65 3.81
N SER C 372 8.64 10.21 4.28
CA SER C 372 8.23 11.52 3.79
C SER C 372 9.05 12.67 4.37
N ALA C 373 9.87 12.43 5.40
CA ALA C 373 10.61 13.50 6.04
C ALA C 373 12.08 13.11 6.24
N MET C 374 12.72 12.60 5.19
CA MET C 374 14.10 12.16 5.30
C MET C 374 15.08 13.26 5.70
N PRO C 375 15.01 14.50 5.20
CA PRO C 375 15.98 15.51 5.64
C PRO C 375 16.01 15.72 7.15
N THR C 376 14.86 15.73 7.81
CA THR C 376 14.83 15.93 9.25
C THR C 376 15.42 14.73 9.98
N VAL C 377 15.05 13.52 9.58
CA VAL C 377 15.57 12.31 10.21
C VAL C 377 17.08 12.26 10.08
N ARG C 378 17.60 12.61 8.90
CA ARG C 378 19.05 12.67 8.72
C ARG C 378 19.66 13.77 9.59
N SER C 379 18.98 14.91 9.69
CA SER C 379 19.50 16.03 10.47
C SER C 379 19.62 15.71 11.95
N PHE C 380 18.75 14.84 12.47
CA PHE C 380 18.82 14.45 13.87
C PHE C 380 19.38 13.05 14.06
N ALA C 381 19.88 12.42 13.00
CA ALA C 381 20.56 11.11 13.09
C ALA C 381 19.69 10.07 13.78
N ASN C 382 18.43 9.98 13.37
CA ASN C 382 17.46 9.11 14.02
C ASN C 382 16.99 7.95 13.15
N GLU C 383 17.88 7.39 12.32
CA GLU C 383 17.49 6.23 11.51
C GLU C 383 17.17 5.03 12.39
N GLU C 384 17.95 4.80 13.44
CA GLU C 384 17.75 3.64 14.28
C GLU C 384 16.39 3.66 14.97
N GLY C 385 15.94 4.85 15.39
CA GLY C 385 14.64 4.95 16.02
C GLY C 385 13.50 4.57 15.09
N GLU C 386 13.57 5.03 13.84
CA GLU C 386 12.55 4.66 12.87
C GLU C 386 12.59 3.16 12.60
N ALA C 387 13.79 2.59 12.49
CA ALA C 387 13.91 1.15 12.29
C ALA C 387 13.28 0.37 13.45
N GLN C 388 13.52 0.83 14.68
CA GLN C 388 12.93 0.17 15.85
C GLN C 388 11.41 0.29 15.86
N LYS C 389 10.90 1.47 15.47
CA LYS C 389 9.45 1.65 15.36
C LYS C 389 8.86 0.65 14.38
N PHE C 390 9.52 0.45 13.24
CA PHE C 390 9.05 -0.52 12.26
C PHE C 390 9.11 -1.95 12.83
N ARG C 391 10.21 -2.27 13.52
CA ARG C 391 10.41 -3.61 14.06
C ARG C 391 9.32 -3.97 15.07
N GLU C 392 8.84 -3.00 15.83
CA GLU C 392 7.79 -3.31 16.81
C GLU C 392 6.52 -3.82 16.13
N LYS C 393 6.06 -3.13 15.09
CA LYS C 393 4.89 -3.59 14.36
C LYS C 393 5.14 -4.94 13.70
N LEU C 394 6.34 -5.14 13.17
CA LEU C 394 6.66 -6.45 12.60
C LEU C 394 6.58 -7.54 13.65
N GLN C 395 6.99 -7.24 14.89
CA GLN C 395 6.88 -8.22 15.96
C GLN C 395 5.44 -8.56 16.28
N GLU C 396 4.55 -7.55 16.28
CA GLU C 396 3.14 -7.84 16.51
C GLU C 396 2.57 -8.76 15.43
N ILE C 397 2.91 -8.48 14.17
CA ILE C 397 2.46 -9.33 13.07
C ILE C 397 2.98 -10.75 13.24
N LYS C 398 4.25 -10.88 13.62
CA LYS C 398 4.82 -12.20 13.91
C LYS C 398 4.04 -12.91 15.00
N THR C 399 3.60 -12.17 16.02
CA THR C 399 2.80 -12.77 17.08
C THR C 399 1.50 -13.36 16.53
N LEU C 400 0.82 -12.65 15.64
CA LEU C 400 -0.45 -13.16 15.12
C LEU C 400 -0.26 -14.36 14.18
N ASN C 401 0.83 -14.36 13.41
CA ASN C 401 0.99 -15.40 12.40
C ASN C 401 1.09 -16.81 12.97
N GLN C 402 1.63 -16.96 14.19
CA GLN C 402 1.73 -18.28 14.79
C GLN C 402 0.35 -18.89 15.04
N LYS C 403 -0.57 -18.10 15.58
CA LYS C 403 -1.94 -18.55 15.77
C LYS C 403 -2.56 -18.92 14.44
N GLU C 404 -2.31 -18.10 13.41
CA GLU C 404 -2.85 -18.42 12.09
C GLU C 404 -2.39 -19.80 11.62
N ALA C 405 -1.09 -20.08 11.73
CA ALA C 405 -0.56 -21.37 11.26
C ALA C 405 -1.11 -22.54 12.06
N VAL C 406 -1.20 -22.40 13.40
CA VAL C 406 -1.72 -23.50 14.21
C VAL C 406 -3.17 -23.79 13.84
N ALA C 407 -3.97 -22.75 13.63
CA ALA C 407 -5.35 -22.94 13.20
C ALA C 407 -5.41 -23.67 11.86
N TYR C 408 -4.54 -23.31 10.92
CA TYR C 408 -4.50 -24.00 9.65
C TYR C 408 -4.27 -25.50 9.83
N ALA C 409 -3.28 -25.85 10.64
CA ALA C 409 -2.96 -27.27 10.83
C ALA C 409 -4.14 -28.03 11.45
N VAL C 410 -4.74 -27.45 12.50
CA VAL C 410 -5.84 -28.14 13.16
C VAL C 410 -7.02 -28.31 12.23
N ASN C 411 -7.34 -27.28 11.43
CA ASN C 411 -8.45 -27.38 10.50
C ASN C 411 -8.20 -28.47 9.46
N SER C 412 -6.96 -28.57 8.97
CA SER C 412 -6.66 -29.63 8.02
C SER C 412 -6.88 -31.02 8.65
N TRP C 413 -6.41 -31.21 9.88
CA TRP C 413 -6.64 -32.48 10.57
C TRP C 413 -8.13 -32.80 10.62
N THR C 414 -8.93 -31.83 11.06
CA THR C 414 -10.36 -32.10 11.24
C THR C 414 -11.05 -32.43 9.92
N THR C 415 -10.71 -31.70 8.85
CA THR C 415 -11.34 -31.96 7.56
C THR C 415 -11.01 -33.37 7.07
N SER C 416 -9.74 -33.75 7.16
CA SER C 416 -9.37 -35.09 6.69
C SER C 416 -10.04 -36.18 7.51
N ILE C 417 -10.12 -35.99 8.83
CA ILE C 417 -10.79 -36.98 9.68
C ILE C 417 -12.26 -37.11 9.31
N SER C 418 -12.94 -35.98 9.07
CA SER C 418 -14.34 -36.04 8.70
C SER C 418 -14.52 -36.81 7.39
N GLY C 419 -13.68 -36.54 6.39
CA GLY C 419 -13.79 -37.27 5.14
C GLY C 419 -13.57 -38.76 5.30
N MET C 420 -12.55 -39.15 6.06
CA MET C 420 -12.26 -40.56 6.26
C MET C 420 -13.42 -41.26 6.95
N LEU C 421 -13.97 -40.65 8.00
CA LEU C 421 -15.09 -41.28 8.70
C LEU C 421 -16.33 -41.37 7.82
N LEU C 422 -16.57 -40.36 6.98
CA LEU C 422 -17.70 -40.42 6.07
C LEU C 422 -17.57 -41.57 5.08
N LYS C 423 -16.35 -41.83 4.58
CA LYS C 423 -16.16 -43.00 3.74
C LYS C 423 -16.41 -44.29 4.53
N VAL C 424 -15.80 -44.40 5.71
CA VAL C 424 -15.77 -45.66 6.44
C VAL C 424 -17.17 -46.09 6.87
N GLY C 425 -17.98 -45.14 7.36
CA GLY C 425 -19.29 -45.52 7.85
C GLY C 425 -20.17 -46.15 6.79
N ILE C 426 -20.24 -45.52 5.62
CA ILE C 426 -21.06 -46.03 4.53
C ILE C 426 -20.49 -47.34 4.01
N LEU C 427 -19.16 -47.43 3.93
CA LEU C 427 -18.55 -48.69 3.49
C LEU C 427 -18.92 -49.83 4.42
N TYR C 428 -18.90 -49.58 5.74
CA TYR C 428 -19.28 -50.61 6.69
C TYR C 428 -20.75 -50.98 6.55
N ILE C 429 -21.62 -49.98 6.35
CA ILE C 429 -23.04 -50.26 6.20
C ILE C 429 -23.29 -51.14 4.99
N GLY C 430 -22.54 -50.92 3.91
CA GLY C 430 -22.69 -51.77 2.74
C GLY C 430 -22.43 -53.23 3.04
N GLY C 431 -21.47 -53.50 3.92
CA GLY C 431 -21.21 -54.88 4.32
C GLY C 431 -22.39 -55.52 5.01
N GLN C 432 -23.06 -54.78 5.91
CA GLN C 432 -24.24 -55.31 6.55
C GLN C 432 -25.34 -55.59 5.53
N LEU C 433 -25.52 -54.68 4.56
CA LEU C 433 -26.53 -54.93 3.54
C LEU C 433 -26.22 -56.18 2.72
N VAL C 434 -24.97 -56.38 2.31
CA VAL C 434 -24.66 -57.55 1.48
C VAL C 434 -24.77 -58.83 2.29
N THR C 435 -24.30 -58.81 3.55
CA THR C 435 -24.44 -59.99 4.39
C THR C 435 -25.90 -60.33 4.66
N SER C 436 -26.77 -59.34 4.79
CA SER C 436 -28.18 -59.61 4.97
C SER C 436 -28.83 -60.20 3.71
N GLY C 437 -28.12 -60.19 2.59
CA GLY C 437 -28.67 -60.72 1.36
C GLY C 437 -29.69 -59.83 0.70
N ALA C 438 -29.71 -58.53 1.04
CA ALA C 438 -30.69 -57.62 0.45
C ALA C 438 -30.21 -57.03 -0.86
N VAL C 439 -28.95 -56.66 -0.96
CA VAL C 439 -28.41 -55.98 -2.14
C VAL C 439 -27.19 -56.74 -2.64
N SER C 440 -27.09 -56.88 -3.96
CA SER C 440 -25.97 -57.59 -4.58
C SER C 440 -24.69 -56.78 -4.47
N SER C 441 -23.56 -57.48 -4.55
CA SER C 441 -22.27 -56.81 -4.47
C SER C 441 -22.00 -55.95 -5.69
N GLY C 442 -22.62 -56.27 -6.82
CA GLY C 442 -22.39 -55.50 -8.03
C GLY C 442 -22.76 -54.04 -7.90
N ASN C 443 -23.89 -53.76 -7.25
CA ASN C 443 -24.28 -52.39 -7.00
C ASN C 443 -23.33 -51.72 -6.01
N LEU C 444 -22.92 -52.47 -4.97
CA LEU C 444 -22.08 -51.90 -3.93
C LEU C 444 -20.72 -51.49 -4.47
N VAL C 445 -20.16 -52.27 -5.40
CA VAL C 445 -18.83 -51.94 -5.91
C VAL C 445 -18.85 -50.57 -6.60
N THR C 446 -19.87 -50.32 -7.44
CA THR C 446 -19.94 -49.03 -8.13
C THR C 446 -20.26 -47.90 -7.16
N PHE C 447 -21.16 -48.16 -6.21
CA PHE C 447 -21.51 -47.10 -5.27
C PHE C 447 -20.30 -46.68 -4.45
N VAL C 448 -19.49 -47.65 -4.01
CA VAL C 448 -18.28 -47.33 -3.26
C VAL C 448 -17.29 -46.57 -4.16
N LEU C 449 -17.10 -47.06 -5.39
CA LEU C 449 -16.15 -46.43 -6.29
C LEU C 449 -16.52 -44.99 -6.60
N TYR C 450 -17.80 -44.62 -6.50
CA TYR C 450 -18.19 -43.23 -6.70
C TYR C 450 -18.26 -42.44 -5.40
N GLN C 451 -18.48 -43.13 -4.27
CA GLN C 451 -18.39 -42.47 -2.97
C GLN C 451 -16.99 -41.94 -2.72
N MET C 452 -15.97 -42.70 -3.13
CA MET C 452 -14.60 -42.23 -2.92
C MET C 452 -14.32 -40.89 -3.60
N GLN C 453 -15.09 -40.54 -4.63
CA GLN C 453 -14.90 -39.25 -5.29
C GLN C 453 -15.84 -38.18 -4.76
N PHE C 454 -17.09 -38.57 -4.46
CA PHE C 454 -18.00 -37.60 -3.86
C PHE C 454 -17.47 -37.08 -2.53
N THR C 455 -16.80 -37.95 -1.76
CA THR C 455 -16.21 -37.52 -0.50
C THR C 455 -15.09 -36.52 -0.71
N GLN C 456 -14.26 -36.72 -1.74
CA GLN C 456 -13.23 -35.74 -2.06
C GLN C 456 -13.85 -34.39 -2.42
N ALA C 457 -14.93 -34.41 -3.21
CA ALA C 457 -15.60 -33.15 -3.55
C ALA C 457 -16.09 -32.43 -2.31
N VAL C 458 -16.80 -33.14 -1.43
CA VAL C 458 -17.34 -32.48 -0.25
C VAL C 458 -16.21 -32.04 0.67
N GLU C 459 -15.07 -32.76 0.68
CA GLU C 459 -13.94 -32.33 1.49
C GLU C 459 -13.37 -31.01 0.97
N VAL C 460 -13.29 -30.85 -0.34
CA VAL C 460 -12.84 -29.57 -0.89
C VAL C 460 -13.82 -28.46 -0.50
N LEU C 461 -15.12 -28.73 -0.60
CA LEU C 461 -16.10 -27.73 -0.20
C LEU C 461 -15.99 -27.38 1.28
N LEU C 462 -15.62 -28.35 2.12
CA LEU C 462 -15.35 -28.08 3.53
C LEU C 462 -14.13 -27.18 3.68
N SER C 463 -13.08 -27.44 2.88
CA SER C 463 -11.86 -26.66 2.99
C SER C 463 -12.08 -25.21 2.56
N ILE C 464 -13.06 -24.96 1.69
CA ILE C 464 -13.28 -23.59 1.22
C ILE C 464 -13.79 -22.67 2.33
N TYR C 465 -14.65 -23.17 3.22
CA TYR C 465 -15.37 -22.31 4.17
C TYR C 465 -14.48 -21.43 5.05
N PRO C 466 -13.42 -21.95 5.68
CA PRO C 466 -12.58 -21.06 6.52
C PRO C 466 -11.97 -19.90 5.74
N ARG C 467 -11.64 -20.11 4.47
CA ARG C 467 -11.14 -19.00 3.67
C ARG C 467 -12.23 -17.97 3.40
N VAL C 468 -13.48 -18.40 3.30
CA VAL C 468 -14.58 -17.44 3.18
C VAL C 468 -14.69 -16.60 4.45
N GLN C 469 -14.58 -17.23 5.62
CA GLN C 469 -14.60 -16.46 6.86
C GLN C 469 -13.42 -15.51 6.93
N LYS C 470 -12.24 -15.95 6.49
CA LYS C 470 -11.06 -15.09 6.46
C LYS C 470 -11.31 -13.87 5.58
N ALA C 471 -11.88 -14.07 4.40
CA ALA C 471 -12.18 -12.96 3.50
C ALA C 471 -13.20 -12.02 4.12
N VAL C 472 -14.19 -12.55 4.83
CA VAL C 472 -15.14 -11.70 5.55
C VAL C 472 -14.40 -10.83 6.56
N GLY C 473 -13.45 -11.43 7.26
CA GLY C 473 -12.65 -10.66 8.21
C GLY C 473 -11.82 -9.58 7.54
N SER C 474 -11.34 -9.86 6.33
CA SER C 474 -10.43 -8.94 5.66
C SER C 474 -11.15 -7.71 5.10
N SER C 475 -12.46 -7.80 4.89
CA SER C 475 -13.19 -6.74 4.21
C SER C 475 -13.95 -5.81 5.16
N GLU C 476 -13.73 -5.92 6.47
CA GLU C 476 -14.56 -5.18 7.42
C GLU C 476 -14.35 -3.67 7.29
N LYS C 477 -13.10 -3.22 7.23
CA LYS C 477 -12.84 -1.78 7.29
C LYS C 477 -13.20 -1.06 6.00
N ILE C 478 -12.94 -1.68 4.84
CA ILE C 478 -13.31 -1.03 3.59
C ILE C 478 -14.82 -0.93 3.46
N PHE C 479 -15.56 -1.94 3.92
CA PHE C 479 -17.01 -1.83 3.89
C PHE C 479 -17.53 -0.84 4.93
N GLU C 480 -16.82 -0.66 6.05
CA GLU C 480 -17.16 0.41 6.96
C GLU C 480 -16.97 1.77 6.31
N TYR C 481 -15.89 1.92 5.52
CA TYR C 481 -15.70 3.14 4.75
C TYR C 481 -16.84 3.34 3.75
N LEU C 482 -17.22 2.28 3.04
CA LEU C 482 -18.24 2.38 2.00
C LEU C 482 -19.59 2.74 2.58
N ASP C 483 -19.96 2.16 3.72
CA ASP C 483 -21.28 2.35 4.30
C ASP C 483 -21.36 3.50 5.28
N ARG C 484 -20.25 4.19 5.55
CA ARG C 484 -20.28 5.30 6.49
C ARG C 484 -20.98 6.51 5.86
N THR C 485 -21.72 7.25 6.68
CA THR C 485 -22.40 8.45 6.23
C THR C 485 -21.60 9.68 6.63
N PRO C 486 -21.22 10.53 5.69
CA PRO C 486 -20.44 11.73 6.04
C PRO C 486 -21.23 12.64 6.97
N ARG C 487 -20.50 13.24 7.93
CA ARG C 487 -21.12 14.15 8.87
C ARG C 487 -21.22 15.58 8.33
N CYS C 488 -20.56 15.87 7.22
CA CYS C 488 -20.64 17.19 6.62
C CYS C 488 -21.91 17.31 5.79
N PRO C 489 -22.45 18.52 5.64
CA PRO C 489 -23.65 18.69 4.82
C PRO C 489 -23.33 18.47 3.35
N PRO C 490 -24.31 18.03 2.56
CA PRO C 490 -24.07 17.83 1.13
C PRO C 490 -24.05 19.14 0.37
N SER C 491 -23.50 19.08 -0.84
CA SER C 491 -23.41 20.27 -1.68
C SER C 491 -24.78 20.70 -2.17
N GLY C 492 -24.93 22.00 -2.43
CA GLY C 492 -26.19 22.57 -2.86
C GLY C 492 -26.34 22.59 -4.36
N LEU C 493 -27.18 23.52 -4.83
CA LEU C 493 -27.50 23.63 -6.24
C LEU C 493 -27.30 25.02 -6.83
N LEU C 494 -27.18 26.06 -6.00
CA LEU C 494 -27.12 27.43 -6.51
C LEU C 494 -25.82 27.67 -7.26
N THR C 495 -25.95 28.20 -8.48
CA THR C 495 -24.81 28.65 -9.27
C THR C 495 -25.15 29.96 -9.95
N PRO C 496 -25.29 31.05 -9.20
CA PRO C 496 -25.68 32.33 -9.82
C PRO C 496 -24.62 32.83 -10.79
N LEU C 497 -25.10 33.53 -11.83
CA LEU C 497 -24.21 34.00 -12.88
C LEU C 497 -23.28 35.09 -12.36
N HIS C 498 -23.82 36.03 -11.58
CA HIS C 498 -23.05 37.14 -11.06
C HIS C 498 -23.09 37.13 -9.54
N LEU C 499 -21.91 37.20 -8.93
CA LEU C 499 -21.78 37.11 -7.48
C LEU C 499 -21.06 38.35 -6.96
N GLU C 500 -21.62 38.98 -5.94
CA GLU C 500 -21.06 40.23 -5.43
C GLU C 500 -19.78 39.99 -4.64
N GLY C 501 -19.77 38.97 -3.79
CA GLY C 501 -18.63 38.74 -2.93
C GLY C 501 -18.77 39.30 -1.53
N LEU C 502 -19.98 39.67 -1.12
CA LEU C 502 -20.19 40.17 0.24
C LEU C 502 -20.24 39.02 1.23
N VAL C 503 -19.53 39.16 2.34
CA VAL C 503 -19.43 38.12 3.37
C VAL C 503 -19.85 38.73 4.71
N GLN C 504 -20.73 38.03 5.42
CA GLN C 504 -21.22 38.48 6.71
C GLN C 504 -21.07 37.38 7.75
N PHE C 505 -20.40 37.71 8.86
CA PHE C 505 -20.33 36.84 10.01
C PHE C 505 -21.32 37.32 11.05
N GLN C 506 -22.12 36.40 11.61
CA GLN C 506 -23.17 36.74 12.56
C GLN C 506 -23.04 35.87 13.80
N ASP C 507 -22.35 36.36 14.81
CA ASP C 507 -22.25 35.72 16.12
C ASP C 507 -21.69 34.30 16.00
N VAL C 508 -20.63 34.14 15.22
CA VAL C 508 -20.08 32.82 14.94
C VAL C 508 -19.26 32.33 16.13
N SER C 509 -19.48 31.07 16.50
CA SER C 509 -18.67 30.39 17.50
C SER C 509 -18.29 29.01 16.96
N PHE C 510 -17.13 28.52 17.37
CA PHE C 510 -16.62 27.28 16.82
C PHE C 510 -15.76 26.56 17.84
N ALA C 511 -15.81 25.23 17.79
CA ALA C 511 -14.98 24.37 18.64
C ALA C 511 -14.63 23.13 17.84
N TYR C 512 -13.35 22.76 17.82
CA TYR C 512 -12.91 21.66 17.00
C TYR C 512 -13.52 20.34 17.49
N PRO C 513 -13.87 19.43 16.58
CA PRO C 513 -14.60 18.21 16.99
C PRO C 513 -13.86 17.35 18.00
N ASN C 514 -12.53 17.30 17.96
CA ASN C 514 -11.79 16.48 18.90
C ASN C 514 -11.68 17.11 20.29
N ARG C 515 -11.95 18.40 20.42
CA ARG C 515 -12.07 19.08 21.70
C ARG C 515 -13.33 19.93 21.68
N PRO C 516 -14.51 19.29 21.70
CA PRO C 516 -15.76 20.04 21.51
C PRO C 516 -16.13 20.94 22.67
N ASP C 517 -15.35 20.97 23.75
CA ASP C 517 -15.66 21.78 24.92
C ASP C 517 -14.81 23.03 25.04
N VAL C 518 -13.95 23.32 24.06
CA VAL C 518 -13.10 24.50 24.07
C VAL C 518 -13.48 25.37 22.90
N LEU C 519 -14.04 26.55 23.18
CA LEU C 519 -14.49 27.47 22.14
C LEU C 519 -13.28 28.21 21.58
N VAL C 520 -12.87 27.84 20.36
CA VAL C 520 -11.76 28.54 19.73
C VAL C 520 -12.19 29.95 19.31
N LEU C 521 -13.41 30.10 18.82
CA LEU C 521 -13.94 31.39 18.40
C LEU C 521 -15.21 31.69 19.18
N GLN C 522 -15.38 32.94 19.59
CA GLN C 522 -16.53 33.33 20.42
C GLN C 522 -17.14 34.61 19.86
N GLY C 523 -18.31 34.48 19.24
CA GLY C 523 -19.12 35.63 18.86
C GLY C 523 -18.50 36.62 17.90
N LEU C 524 -17.93 36.14 16.80
CA LEU C 524 -17.37 37.03 15.80
C LEU C 524 -18.48 37.69 14.99
N THR C 525 -18.37 38.99 14.76
CA THR C 525 -19.29 39.75 13.92
C THR C 525 -18.50 40.79 13.14
N PHE C 526 -18.48 40.63 11.81
CA PHE C 526 -17.84 41.59 10.93
C PHE C 526 -18.31 41.30 9.50
N THR C 527 -17.91 42.17 8.58
CA THR C 527 -18.37 42.10 7.21
C THR C 527 -17.22 42.38 6.25
N LEU C 528 -17.17 41.60 5.17
CA LEU C 528 -16.25 41.84 4.06
C LEU C 528 -17.06 42.37 2.88
N ARG C 529 -16.56 43.43 2.26
CA ARG C 529 -17.31 44.14 1.23
C ARG C 529 -16.40 44.37 0.03
N PRO C 530 -16.93 44.26 -1.18
CA PRO C 530 -16.08 44.37 -2.38
C PRO C 530 -15.35 45.70 -2.45
N GLY C 531 -14.10 45.64 -2.90
CA GLY C 531 -13.27 46.82 -3.01
C GLY C 531 -12.57 47.24 -1.74
N GLU C 532 -12.80 46.55 -0.64
CA GLU C 532 -12.21 46.91 0.65
C GLU C 532 -11.33 45.77 1.16
N VAL C 533 -10.22 46.14 1.79
CA VAL C 533 -9.28 45.18 2.34
C VAL C 533 -9.45 45.18 3.86
N THR C 534 -9.68 44.01 4.43
CA THR C 534 -9.83 43.85 5.87
C THR C 534 -8.65 43.03 6.40
N ALA C 535 -7.96 43.58 7.39
CA ALA C 535 -6.79 42.93 7.97
C ALA C 535 -7.17 42.31 9.32
N LEU C 536 -6.74 41.08 9.53
CA LEU C 536 -7.00 40.35 10.76
C LEU C 536 -5.67 40.07 11.45
N VAL C 537 -5.48 40.62 12.63
CA VAL C 537 -4.22 40.53 13.36
C VAL C 537 -4.48 40.04 14.77
N GLY C 538 -3.43 39.49 15.38
CA GLY C 538 -3.51 38.99 16.73
C GLY C 538 -2.31 38.14 17.11
N PRO C 539 -2.23 37.74 18.37
CA PRO C 539 -1.12 36.88 18.80
C PRO C 539 -1.21 35.48 18.20
N ASN C 540 -0.16 34.69 18.38
CA ASN C 540 -0.17 33.32 17.89
C ASN C 540 -1.20 32.49 18.64
N GLY C 541 -1.86 31.59 17.91
CA GLY C 541 -2.86 30.73 18.50
C GLY C 541 -4.17 31.41 18.85
N SER C 542 -4.45 32.56 18.27
CA SER C 542 -5.68 33.28 18.58
C SER C 542 -6.86 32.84 17.73
N GLY C 543 -6.63 32.12 16.63
CA GLY C 543 -7.73 31.59 15.83
C GLY C 543 -7.92 32.22 14.47
N LYS C 544 -6.88 32.81 13.87
CA LYS C 544 -7.06 33.44 12.55
C LYS C 544 -7.21 32.40 11.46
N SER C 545 -6.35 31.38 11.46
CA SER C 545 -6.46 30.34 10.44
C SER C 545 -7.73 29.51 10.62
N THR C 546 -8.27 29.46 11.84
CA THR C 546 -9.58 28.83 12.03
C THR C 546 -10.66 29.62 11.32
N VAL C 547 -10.60 30.95 11.38
CA VAL C 547 -11.55 31.77 10.64
C VAL C 547 -11.38 31.54 9.14
N ALA C 548 -10.12 31.46 8.67
CA ALA C 548 -9.89 31.21 7.26
C ALA C 548 -10.45 29.85 6.83
N ALA C 549 -10.31 28.83 7.67
CA ALA C 549 -10.84 27.51 7.34
C ALA C 549 -12.36 27.52 7.34
N LEU C 550 -12.97 28.24 8.28
CA LEU C 550 -14.44 28.35 8.29
C LEU C 550 -14.94 29.05 7.03
N LEU C 551 -14.20 30.05 6.55
CA LEU C 551 -14.63 30.79 5.37
C LEU C 551 -14.57 29.93 4.11
N GLN C 552 -13.77 28.88 4.11
CA GLN C 552 -13.64 28.00 2.95
C GLN C 552 -14.55 26.78 3.04
N ASN C 553 -15.46 26.76 4.00
CA ASN C 553 -16.43 25.66 4.17
C ASN C 553 -15.73 24.34 4.45
N LEU C 554 -14.55 24.38 5.08
CA LEU C 554 -13.93 23.16 5.56
C LEU C 554 -14.57 22.65 6.84
N TYR C 555 -15.07 23.56 7.68
CA TYR C 555 -15.75 23.20 8.92
C TYR C 555 -17.03 24.01 9.01
N GLN C 556 -17.99 23.45 9.74
CA GLN C 556 -19.23 24.21 9.96
C GLN C 556 -19.22 24.87 11.33
N PRO C 557 -19.69 26.12 11.44
CA PRO C 557 -19.75 26.76 12.74
C PRO C 557 -20.75 26.07 13.66
N THR C 558 -20.43 26.07 14.95
CA THR C 558 -21.31 25.49 15.95
C THR C 558 -22.33 26.48 16.49
N GLY C 559 -22.22 27.75 16.12
CA GLY C 559 -23.19 28.75 16.53
C GLY C 559 -23.17 29.92 15.58
N GLY C 560 -24.31 30.60 15.50
CA GLY C 560 -24.43 31.71 14.58
C GLY C 560 -24.54 31.25 13.13
N GLN C 561 -24.40 32.22 12.23
CA GLN C 561 -24.51 31.97 10.80
C GLN C 561 -23.35 32.62 10.08
N LEU C 562 -23.00 32.05 8.94
CA LEU C 562 -22.01 32.61 8.03
C LEU C 562 -22.64 32.66 6.64
N LEU C 563 -22.75 33.86 6.09
CA LEU C 563 -23.51 34.10 4.87
C LEU C 563 -22.60 34.65 3.79
N LEU C 564 -22.73 34.12 2.58
CA LEU C 564 -22.03 34.63 1.40
C LEU C 564 -23.07 35.18 0.44
N ASP C 565 -23.08 36.51 0.27
CA ASP C 565 -24.03 37.18 -0.60
C ASP C 565 -25.48 36.86 -0.20
N GLY C 566 -25.69 36.75 1.11
CA GLY C 566 -27.03 36.49 1.64
C GLY C 566 -27.42 35.03 1.72
N LYS C 567 -26.59 34.11 1.23
CA LYS C 567 -26.91 32.70 1.28
C LYS C 567 -25.90 31.95 2.14
N PRO C 568 -26.34 30.94 2.89
CA PRO C 568 -25.38 30.09 3.60
C PRO C 568 -24.47 29.37 2.61
N LEU C 569 -23.24 29.10 3.07
CA LEU C 569 -22.25 28.47 2.20
C LEU C 569 -22.66 27.12 1.62
N PRO C 570 -23.27 26.19 2.36
CA PRO C 570 -23.56 24.87 1.77
C PRO C 570 -24.53 24.91 0.61
N GLN C 571 -25.30 25.99 0.43
CA GLN C 571 -26.29 26.02 -0.63
C GLN C 571 -25.68 26.17 -2.01
N TYR C 572 -24.45 26.65 -2.12
CA TYR C 572 -23.77 26.75 -3.41
C TYR C 572 -23.18 25.40 -3.80
N GLU C 573 -22.96 25.24 -5.11
CA GLU C 573 -22.36 24.02 -5.61
C GLU C 573 -20.91 23.91 -5.15
N HIS C 574 -20.45 22.68 -4.97
CA HIS C 574 -19.11 22.46 -4.42
C HIS C 574 -18.02 23.01 -5.33
N ARG C 575 -18.14 22.77 -6.64
CA ARG C 575 -17.09 23.21 -7.56
C ARG C 575 -17.16 24.71 -7.83
N TYR C 576 -18.36 25.29 -7.80
CA TYR C 576 -18.52 26.71 -8.08
C TYR C 576 -18.03 27.57 -6.92
N LEU C 577 -18.34 27.15 -5.69
CA LEU C 577 -17.98 27.93 -4.51
C LEU C 577 -16.46 28.09 -4.41
N HIS C 578 -15.73 27.00 -4.59
CA HIS C 578 -14.27 27.09 -4.47
C HIS C 578 -13.62 27.67 -5.70
N ARG C 579 -14.39 27.91 -6.77
CA ARG C 579 -13.92 28.73 -7.87
C ARG C 579 -14.13 30.21 -7.59
N GLN C 580 -15.17 30.55 -6.82
CA GLN C 580 -15.40 31.94 -6.46
C GLN C 580 -14.63 32.38 -5.21
N VAL C 581 -14.23 31.44 -4.37
CA VAL C 581 -13.43 31.72 -3.18
C VAL C 581 -12.10 30.99 -3.32
N ALA C 582 -11.01 31.73 -3.26
CA ALA C 582 -9.67 31.16 -3.35
C ALA C 582 -8.82 31.67 -2.20
N ALA C 583 -7.94 30.81 -1.71
CA ALA C 583 -7.15 31.11 -0.54
C ALA C 583 -5.71 30.67 -0.73
N VAL C 584 -4.78 31.39 -0.11
CA VAL C 584 -3.38 31.01 -0.06
C VAL C 584 -3.12 30.53 1.36
N GLY C 585 -2.89 29.23 1.51
CA GLY C 585 -2.77 28.66 2.83
C GLY C 585 -1.46 28.99 3.51
N GLN C 586 -1.44 28.77 4.82
CA GLN C 586 -0.21 28.97 5.60
C GLN C 586 0.73 27.81 5.35
N GLU C 587 1.98 28.13 4.96
CA GLU C 587 2.95 27.14 4.52
C GLU C 587 2.32 26.29 3.42
N PRO C 588 2.14 26.85 2.22
CA PRO C 588 1.33 26.18 1.20
C PRO C 588 1.99 24.93 0.64
N GLN C 589 1.15 24.04 0.11
CA GLN C 589 1.61 22.80 -0.50
C GLN C 589 1.62 22.92 -2.01
N VAL C 590 2.50 22.15 -2.64
CA VAL C 590 2.60 22.09 -4.09
C VAL C 590 2.71 20.63 -4.51
N PHE C 591 1.90 20.22 -5.47
CA PHE C 591 1.82 18.84 -5.89
C PHE C 591 2.95 18.48 -6.85
N GLY C 592 3.12 17.18 -7.05
CA GLY C 592 4.18 16.68 -7.91
C GLY C 592 3.83 16.63 -9.38
N ARG C 593 3.56 17.80 -9.97
CA ARG C 593 3.23 17.90 -11.38
C ARG C 593 4.07 18.99 -12.03
N SER C 594 3.76 19.33 -13.28
CA SER C 594 4.42 20.46 -13.92
C SER C 594 3.95 21.77 -13.29
N LEU C 595 4.78 22.81 -13.45
CA LEU C 595 4.42 24.12 -12.92
C LEU C 595 3.14 24.64 -13.56
N GLN C 596 2.95 24.37 -14.85
CA GLN C 596 1.74 24.78 -15.54
C GLN C 596 0.50 24.13 -14.91
N GLU C 597 0.56 22.83 -14.64
CA GLU C 597 -0.57 22.14 -14.03
C GLU C 597 -0.73 22.53 -12.57
N ASN C 598 0.36 22.89 -11.89
CA ASN C 598 0.24 23.38 -10.52
C ASN C 598 -0.48 24.73 -10.49
N ILE C 599 -0.15 25.64 -11.42
CA ILE C 599 -0.82 26.93 -11.46
C ILE C 599 -2.28 26.75 -11.87
N ALA C 600 -2.53 25.90 -12.86
CA ALA C 600 -3.89 25.67 -13.33
C ALA C 600 -4.60 24.53 -12.61
N TYR C 601 -4.21 24.23 -11.37
CA TYR C 601 -4.78 23.10 -10.65
C TYR C 601 -6.26 23.32 -10.36
N GLY C 602 -7.05 22.26 -10.51
CA GLY C 602 -8.45 22.27 -10.12
C GLY C 602 -9.41 22.87 -11.11
N LEU C 603 -8.92 23.40 -12.23
CA LEU C 603 -9.81 24.02 -13.21
C LEU C 603 -10.34 22.99 -14.19
N THR C 604 -11.64 23.08 -14.48
CA THR C 604 -12.25 22.19 -15.47
C THR C 604 -11.95 22.65 -16.88
N GLN C 605 -12.25 23.92 -17.18
CA GLN C 605 -11.93 24.52 -18.47
C GLN C 605 -10.48 24.95 -18.44
N LYS C 606 -9.62 24.18 -19.09
CA LYS C 606 -8.18 24.42 -19.03
C LYS C 606 -7.85 25.77 -19.66
N PRO C 607 -7.16 26.66 -18.94
CA PRO C 607 -6.85 27.99 -19.49
C PRO C 607 -5.71 27.94 -20.48
N THR C 608 -5.65 28.97 -21.31
CA THR C 608 -4.59 29.09 -22.30
C THR C 608 -3.30 29.55 -21.65
N MET C 609 -2.20 29.43 -22.41
CA MET C 609 -0.89 29.78 -21.87
C MET C 609 -0.79 31.27 -21.57
N GLU C 610 -1.55 32.11 -22.27
CA GLU C 610 -1.49 33.54 -22.00
C GLU C 610 -2.06 33.88 -20.62
N GLU C 611 -3.17 33.24 -20.24
CA GLU C 611 -3.73 33.46 -18.92
C GLU C 611 -2.76 33.03 -17.83
N ILE C 612 -2.12 31.87 -18.03
CA ILE C 612 -1.17 31.36 -17.06
C ILE C 612 0.03 32.30 -16.94
N THR C 613 0.51 32.80 -18.08
CA THR C 613 1.63 33.73 -18.05
C THR C 613 1.27 35.03 -17.33
N ALA C 614 0.06 35.55 -17.59
CA ALA C 614 -0.36 36.76 -16.90
C ALA C 614 -0.46 36.54 -15.40
N ALA C 615 -1.03 35.41 -14.99
CA ALA C 615 -1.16 35.11 -13.57
C ALA C 615 0.21 34.98 -12.91
N ALA C 616 1.15 34.33 -13.60
CA ALA C 616 2.51 34.21 -13.06
C ALA C 616 3.18 35.57 -12.97
N VAL C 617 2.93 36.45 -13.94
CA VAL C 617 3.51 37.79 -13.91
C VAL C 617 2.98 38.59 -12.73
N LYS C 618 1.67 38.47 -12.45
CA LYS C 618 1.07 39.23 -11.37
C LYS C 618 1.71 38.87 -10.02
N SER C 619 1.94 37.58 -9.78
CA SER C 619 2.49 37.14 -8.51
C SER C 619 4.01 37.24 -8.44
N GLY C 620 4.68 37.56 -9.56
CA GLY C 620 6.12 37.66 -9.56
C GLY C 620 6.85 36.37 -9.77
N ALA C 621 6.15 35.28 -10.09
CA ALA C 621 6.82 34.00 -10.31
C ALA C 621 7.43 33.91 -11.70
N HIS C 622 7.07 34.83 -12.60
CA HIS C 622 7.54 34.75 -13.98
C HIS C 622 9.05 34.94 -14.07
N SER C 623 9.62 35.76 -13.18
CA SER C 623 11.04 36.08 -13.26
C SER C 623 12.00 34.91 -13.10
N PHE C 624 11.59 33.85 -12.41
CA PHE C 624 12.43 32.67 -12.22
C PHE C 624 11.90 31.41 -12.92
N ILE C 625 10.61 31.39 -13.26
CA ILE C 625 10.04 30.26 -13.98
C ILE C 625 10.68 30.30 -15.36
N SER C 626 10.74 31.48 -15.97
CA SER C 626 11.30 31.62 -17.32
C SER C 626 12.78 31.28 -17.37
N GLY C 627 13.48 31.32 -16.25
CA GLY C 627 14.89 30.95 -16.23
C GLY C 627 15.17 29.47 -16.16
N LEU C 628 14.14 28.65 -15.95
CA LEU C 628 14.31 27.21 -15.93
C LEU C 628 14.52 26.68 -17.34
N PRO C 629 15.26 25.58 -17.49
CA PRO C 629 15.54 25.06 -18.84
C PRO C 629 14.31 24.67 -19.63
N GLN C 630 13.26 24.16 -18.98
CA GLN C 630 12.04 23.74 -19.69
C GLN C 630 10.87 24.69 -19.47
N GLY C 631 11.09 25.81 -18.79
CA GLY C 631 10.01 26.77 -18.59
C GLY C 631 8.87 26.20 -17.77
N TYR C 632 7.65 26.44 -18.25
CA TYR C 632 6.46 26.02 -17.52
C TYR C 632 6.24 24.52 -17.55
N ASP C 633 7.02 23.78 -18.35
CA ASP C 633 6.88 22.34 -18.40
C ASP C 633 7.76 21.62 -17.38
N THR C 634 8.48 22.36 -16.54
CA THR C 634 9.40 21.75 -15.59
C THR C 634 8.64 20.92 -14.56
N GLU C 635 9.16 19.72 -14.28
CA GLU C 635 8.55 18.86 -13.28
C GLU C 635 8.99 19.27 -11.88
N VAL C 636 8.11 19.02 -10.91
CA VAL C 636 8.35 19.32 -9.52
C VAL C 636 8.09 18.07 -8.69
N ASP C 637 8.94 17.83 -7.70
CA ASP C 637 8.78 16.67 -6.85
C ASP C 637 7.50 16.76 -6.03
N GLU C 638 7.12 15.63 -5.43
CA GLU C 638 5.81 15.51 -4.79
C GLU C 638 5.63 16.48 -3.64
N ALA C 639 6.71 16.91 -2.99
CA ALA C 639 6.62 17.87 -1.90
C ALA C 639 7.03 19.28 -2.31
N GLY C 640 7.30 19.51 -3.59
CA GLY C 640 7.83 20.78 -4.02
C GLY C 640 9.23 21.08 -3.51
N SER C 641 10.08 20.06 -3.42
CA SER C 641 11.39 20.24 -2.81
C SER C 641 12.35 21.00 -3.72
N GLN C 642 12.09 21.01 -5.03
CA GLN C 642 12.97 21.68 -5.97
C GLN C 642 12.72 23.18 -6.06
N LEU C 643 12.00 23.74 -5.10
CA LEU C 643 11.73 25.17 -5.06
C LEU C 643 12.08 25.71 -3.68
N SER C 644 12.51 26.97 -3.64
CA SER C 644 12.69 27.65 -2.38
C SER C 644 11.35 28.03 -1.78
N GLY C 645 11.37 28.49 -0.53
CA GLY C 645 10.13 28.85 0.13
C GLY C 645 9.42 30.02 -0.55
N GLY C 646 10.17 31.06 -0.91
CA GLY C 646 9.56 32.17 -1.61
C GLY C 646 9.01 31.78 -2.96
N GLN C 647 9.70 30.89 -3.67
CA GLN C 647 9.20 30.40 -4.95
C GLN C 647 7.90 29.61 -4.77
N ARG C 648 7.83 28.78 -3.72
CA ARG C 648 6.60 28.05 -3.45
C ARG C 648 5.46 29.01 -3.13
N GLN C 649 5.74 30.06 -2.34
CA GLN C 649 4.70 31.04 -2.03
C GLN C 649 4.24 31.77 -3.29
N ALA C 650 5.16 32.12 -4.18
CA ALA C 650 4.78 32.80 -5.42
C ALA C 650 3.94 31.88 -6.30
N VAL C 651 4.30 30.60 -6.38
CA VAL C 651 3.52 29.66 -7.17
C VAL C 651 2.12 29.51 -6.58
N ALA C 652 2.02 29.43 -5.26
CA ALA C 652 0.70 29.35 -4.62
C ALA C 652 -0.13 30.60 -4.90
N LEU C 653 0.52 31.76 -4.84
CA LEU C 653 -0.20 33.01 -5.11
C LEU C 653 -0.71 33.05 -6.54
N ALA C 654 0.10 32.63 -7.51
CA ALA C 654 -0.36 32.57 -8.90
C ALA C 654 -1.50 31.57 -9.05
N ARG C 655 -1.39 30.42 -8.37
CA ARG C 655 -2.45 29.42 -8.40
C ARG C 655 -3.76 29.97 -7.88
N ALA C 656 -3.69 30.82 -6.86
CA ALA C 656 -4.90 31.45 -6.35
C ALA C 656 -5.42 32.53 -7.29
N LEU C 657 -4.51 33.26 -7.94
CA LEU C 657 -4.92 34.39 -8.77
C LEU C 657 -5.53 33.95 -10.09
N ILE C 658 -5.12 32.80 -10.62
CA ILE C 658 -5.55 32.41 -11.97
C ILE C 658 -7.07 32.30 -12.09
N ARG C 659 -7.78 32.04 -11.00
CA ARG C 659 -9.22 31.82 -11.05
C ARG C 659 -10.03 33.11 -11.01
N LYS C 660 -9.41 34.26 -10.77
CA LYS C 660 -10.11 35.53 -10.63
C LYS C 660 -11.24 35.42 -9.60
N PRO C 661 -10.93 35.20 -8.33
CA PRO C 661 -11.97 34.96 -7.33
C PRO C 661 -12.64 36.26 -6.90
N CYS C 662 -13.81 36.10 -6.29
CA CYS C 662 -14.52 37.24 -5.72
C CYS C 662 -14.08 37.53 -4.29
N VAL C 663 -13.74 36.50 -3.52
CA VAL C 663 -13.20 36.65 -2.18
C VAL C 663 -11.82 36.03 -2.17
N LEU C 664 -10.81 36.81 -1.82
CA LEU C 664 -9.43 36.36 -1.80
C LEU C 664 -8.95 36.32 -0.36
N ILE C 665 -8.38 35.18 0.03
CA ILE C 665 -7.88 34.98 1.39
C ILE C 665 -6.37 34.83 1.33
N LEU C 666 -5.66 35.71 2.02
CA LEU C 666 -4.21 35.64 2.12
C LEU C 666 -3.85 35.32 3.57
N ASP C 667 -3.17 34.19 3.78
CA ASP C 667 -2.84 33.70 5.11
C ASP C 667 -1.32 33.61 5.20
N ASP C 668 -0.70 34.69 5.70
CA ASP C 668 0.76 34.80 5.80
C ASP C 668 1.41 34.54 4.44
N ALA C 669 0.86 35.17 3.41
CA ALA C 669 1.39 34.99 2.05
C ALA C 669 2.74 35.66 1.85
N THR C 670 3.19 36.48 2.80
CA THR C 670 4.47 37.18 2.67
C THR C 670 5.49 36.75 3.72
N SER C 671 5.31 35.60 4.35
CA SER C 671 6.25 35.18 5.40
C SER C 671 7.64 34.92 4.84
N ALA C 672 7.72 34.24 3.70
CA ALA C 672 9.00 33.85 3.11
C ALA C 672 9.39 34.70 1.91
N LEU C 673 8.62 35.73 1.58
CA LEU C 673 8.91 36.57 0.42
C LEU C 673 9.88 37.68 0.80
N ASP C 674 10.86 37.93 -0.06
CA ASP C 674 11.82 38.99 0.20
C ASP C 674 11.18 40.37 -0.01
N ALA C 675 11.98 41.41 0.21
CA ALA C 675 11.47 42.77 0.13
C ALA C 675 11.00 43.11 -1.28
N ASN C 676 11.68 42.59 -2.30
CA ASN C 676 11.30 42.91 -3.67
C ASN C 676 9.94 42.32 -4.04
N SER C 677 9.68 41.09 -3.60
CA SER C 677 8.43 40.43 -3.97
C SER C 677 7.24 40.98 -3.21
N GLN C 678 7.46 41.51 -2.00
CA GLN C 678 6.37 42.10 -1.23
C GLN C 678 5.78 43.32 -1.95
N LEU C 679 6.58 43.96 -2.81
CA LEU C 679 6.06 45.05 -3.62
C LEU C 679 4.96 44.56 -4.56
N GLN C 680 5.13 43.36 -5.11
CA GLN C 680 4.10 42.79 -5.97
C GLN C 680 2.79 42.62 -5.21
N VAL C 681 2.87 42.11 -3.97
CA VAL C 681 1.67 41.94 -3.16
C VAL C 681 1.04 43.29 -2.84
N GLU C 682 1.87 44.30 -2.58
CA GLU C 682 1.33 45.63 -2.29
C GLU C 682 0.60 46.21 -3.49
N GLN C 683 1.18 46.08 -4.69
CA GLN C 683 0.49 46.54 -5.89
C GLN C 683 -0.80 45.76 -6.11
N LEU C 684 -0.78 44.45 -5.86
CA LEU C 684 -1.97 43.64 -6.01
C LEU C 684 -3.07 44.10 -5.06
N LEU C 685 -2.71 44.44 -3.82
CA LEU C 685 -3.70 44.77 -2.81
C LEU C 685 -4.26 46.18 -3.01
N TYR C 686 -3.40 47.18 -3.17
CA TYR C 686 -3.82 48.57 -3.04
C TYR C 686 -3.77 49.38 -4.33
N GLU C 687 -3.17 48.87 -5.40
CA GLU C 687 -3.02 49.68 -6.61
C GLU C 687 -3.50 49.00 -7.89
N SER C 688 -3.64 47.69 -7.91
CA SER C 688 -4.08 47.01 -9.12
C SER C 688 -5.50 47.45 -9.46
N PRO C 689 -5.82 47.64 -10.75
CA PRO C 689 -7.16 48.08 -11.13
C PRO C 689 -8.24 47.02 -10.96
N GLU C 690 -7.87 45.76 -10.73
CA GLU C 690 -8.83 44.70 -10.53
C GLU C 690 -9.33 44.61 -9.10
N ARG C 691 -8.82 45.43 -8.19
CA ARG C 691 -9.17 45.31 -6.79
C ARG C 691 -10.61 45.71 -6.51
N TYR C 692 -11.28 46.38 -7.44
CA TYR C 692 -12.66 46.80 -7.22
C TYR C 692 -13.63 45.63 -7.25
N SER C 693 -13.22 44.49 -7.79
CA SER C 693 -14.11 43.35 -7.95
C SER C 693 -13.96 42.28 -6.87
N ARG C 694 -13.10 42.50 -5.88
CA ARG C 694 -12.78 41.47 -4.91
C ARG C 694 -13.00 41.95 -3.49
N SER C 695 -13.30 41.00 -2.60
CA SER C 695 -13.18 41.19 -1.17
C SER C 695 -11.96 40.45 -0.69
N VAL C 696 -11.12 41.14 0.10
CA VAL C 696 -9.82 40.60 0.49
C VAL C 696 -9.77 40.50 2.01
N LEU C 697 -9.39 39.33 2.51
CA LEU C 697 -9.14 39.10 3.92
C LEU C 697 -7.66 38.83 4.10
N LEU C 698 -6.96 39.74 4.78
CA LEU C 698 -5.52 39.69 4.90
C LEU C 698 -5.14 39.30 6.32
N ILE C 699 -4.44 38.17 6.45
CA ILE C 699 -3.96 37.67 7.74
C ILE C 699 -2.45 37.67 7.70
N THR C 700 -1.82 38.39 8.62
CA THR C 700 -0.37 38.50 8.61
C THR C 700 0.13 38.92 9.99
N GLN C 701 1.39 38.60 10.24
CA GLN C 701 2.15 39.15 11.36
C GLN C 701 3.06 40.29 10.93
N HIS C 702 3.04 40.66 9.64
CA HIS C 702 3.84 41.76 9.12
C HIS C 702 2.97 43.01 9.21
N LEU C 703 3.09 43.70 10.35
CA LEU C 703 2.18 44.79 10.68
C LEU C 703 2.27 45.97 9.72
N SER C 704 3.45 46.23 9.14
CA SER C 704 3.57 47.37 8.24
C SER C 704 2.76 47.20 6.97
N LEU C 705 2.31 45.99 6.67
CA LEU C 705 1.54 45.75 5.45
C LEU C 705 0.08 46.16 5.59
N VAL C 706 -0.44 46.20 6.82
CA VAL C 706 -1.86 46.48 7.04
C VAL C 706 -2.15 47.94 7.30
N GLU C 707 -1.16 48.83 7.18
CA GLU C 707 -1.38 50.23 7.49
C GLU C 707 -2.35 50.90 6.53
N GLN C 708 -2.53 50.37 5.32
CA GLN C 708 -3.45 50.93 4.36
C GLN C 708 -4.79 50.18 4.31
N ALA C 709 -5.01 49.24 5.21
CA ALA C 709 -6.26 48.49 5.22
C ALA C 709 -7.44 49.39 5.58
N ASP C 710 -8.59 49.08 5.00
CA ASP C 710 -9.80 49.84 5.30
C ASP C 710 -10.34 49.52 6.69
N HIS C 711 -10.16 48.29 7.15
CA HIS C 711 -10.57 47.90 8.49
C HIS C 711 -9.50 46.98 9.08
N ILE C 712 -9.21 47.17 10.35
CA ILE C 712 -8.28 46.31 11.08
C ILE C 712 -9.02 45.69 12.25
N LEU C 713 -8.99 44.37 12.34
CA LEU C 713 -9.67 43.63 13.39
C LEU C 713 -8.62 42.94 14.25
N PHE C 714 -8.64 43.22 15.55
CA PHE C 714 -7.70 42.63 16.49
C PHE C 714 -8.36 41.44 17.18
N LEU C 715 -7.81 40.26 16.96
CA LEU C 715 -8.38 39.02 17.45
C LEU C 715 -7.47 38.44 18.53
N GLU C 716 -8.02 38.29 19.74
CA GLU C 716 -7.28 37.68 20.85
C GLU C 716 -8.22 36.80 21.66
N GLY C 717 -7.77 35.59 21.96
CA GLY C 717 -8.58 34.67 22.74
C GLY C 717 -9.85 34.23 22.08
N GLY C 718 -9.94 34.36 20.76
CA GLY C 718 -11.13 33.99 20.04
C GLY C 718 -12.21 35.05 19.98
N ALA C 719 -11.94 36.25 20.48
CA ALA C 719 -12.91 37.34 20.44
C ALA C 719 -12.23 38.60 19.93
N ILE C 720 -13.01 39.43 19.24
CA ILE C 720 -12.49 40.67 18.66
C ILE C 720 -12.47 41.72 19.77
N ARG C 721 -11.27 42.21 20.10
CA ARG C 721 -11.14 43.19 21.17
C ARG C 721 -11.42 44.61 20.68
N GLU C 722 -10.91 44.97 19.50
CA GLU C 722 -11.04 46.33 19.01
C GLU C 722 -10.95 46.31 17.49
N GLY C 723 -11.42 47.39 16.88
CA GLY C 723 -11.43 47.47 15.43
C GLY C 723 -11.52 48.91 14.98
N GLY C 724 -11.13 49.13 13.73
CA GLY C 724 -11.15 50.45 13.14
C GLY C 724 -9.97 50.62 12.21
N THR C 725 -9.85 51.84 11.70
CA THR C 725 -8.72 52.15 10.83
C THR C 725 -7.43 52.25 11.65
N HIS C 726 -6.31 52.37 10.94
CA HIS C 726 -5.01 52.42 11.60
C HIS C 726 -4.90 53.64 12.51
N GLN C 727 -5.38 54.80 12.03
CA GLN C 727 -5.30 56.02 12.83
C GLN C 727 -6.12 55.89 14.11
N GLN C 728 -7.32 55.33 14.02
CA GLN C 728 -8.17 55.19 15.20
C GLN C 728 -7.53 54.26 16.23
N LEU C 729 -6.98 53.13 15.77
CA LEU C 729 -6.35 52.20 16.70
C LEU C 729 -5.09 52.78 17.31
N MET C 730 -4.34 53.59 16.55
CA MET C 730 -3.20 54.28 17.14
C MET C 730 -3.65 55.29 18.19
N GLU C 731 -4.74 56.01 17.92
CA GLU C 731 -5.24 56.99 18.88
C GLU C 731 -5.75 56.33 20.15
N LYS C 732 -6.41 55.18 20.03
CA LYS C 732 -6.96 54.51 21.21
C LYS C 732 -5.86 54.08 22.18
N LYS C 733 -4.65 53.85 21.68
CA LYS C 733 -3.54 53.36 22.50
C LYS C 733 -3.92 52.07 23.22
N GLY C 734 -4.57 51.17 22.49
CA GLY C 734 -5.00 49.89 23.03
C GLY C 734 -4.04 48.77 22.74
N CYS C 735 -4.60 47.58 22.50
CA CYS C 735 -3.77 46.40 22.24
C CYS C 735 -2.97 46.56 20.96
N TYR C 736 -3.58 47.11 19.90
CA TYR C 736 -2.89 47.28 18.64
C TYR C 736 -1.70 48.22 18.78
N TRP C 737 -1.90 49.34 19.47
CA TRP C 737 -0.82 50.30 19.68
C TRP C 737 0.30 49.68 20.50
N ALA C 738 -0.04 48.91 21.54
CA ALA C 738 0.98 48.25 22.33
C ALA C 738 1.76 47.24 21.51
N MET C 739 1.08 46.49 20.64
CA MET C 739 1.76 45.53 19.78
C MET C 739 2.72 46.24 18.82
N VAL C 740 2.28 47.36 18.23
CA VAL C 740 3.11 48.04 17.25
C VAL C 740 4.30 48.72 17.91
N GLN C 741 4.10 49.36 19.06
CA GLN C 741 5.13 50.22 19.64
C GLN C 741 6.27 49.44 20.29
N ALA C 742 6.11 48.14 20.50
CA ALA C 742 7.09 47.37 21.28
C ALA C 742 8.52 47.46 20.73
N PRO C 743 8.78 47.27 19.42
CA PRO C 743 10.17 47.39 19.01
C PRO C 743 10.66 48.84 18.98
PG ATP D . 14.36 31.48 0.23
O1G ATP D . 14.70 32.85 0.71
O2G ATP D . 13.18 31.45 -0.73
O3G ATP D . 14.11 30.49 1.36
PB ATP D . 17.00 30.22 -0.33
O1B ATP D . 18.04 31.26 -0.26
O2B ATP D . 16.87 29.32 0.88
O3B ATP D . 15.57 30.85 -0.59
PA ATP D . 17.50 27.76 -1.87
O1A ATP D . 16.48 26.88 -1.28
O2A ATP D . 18.92 27.52 -1.37
O3A ATP D . 17.18 29.29 -1.61
O5' ATP D . 17.52 27.67 -3.45
C5' ATP D . 18.74 27.80 -4.20
C4' ATP D . 18.51 27.42 -5.63
O4' ATP D . 18.60 25.99 -5.78
C3' ATP D . 17.17 27.83 -6.23
O3' ATP D . 17.31 28.21 -7.60
C2' ATP D . 16.34 26.55 -6.08
O2' ATP D . 15.34 26.45 -7.09
C1' ATP D . 17.40 25.46 -6.28
N9 ATP D . 17.11 24.22 -5.57
C8 ATP D . 16.69 24.09 -4.27
N7 ATP D . 16.51 22.85 -3.89
C5 ATP D . 16.85 22.11 -5.01
C6 ATP D . 16.87 20.73 -5.27
N6 ATP D . 16.55 19.80 -4.36
N1 ATP D . 17.25 20.32 -6.50
C2 ATP D . 17.59 21.24 -7.41
N3 ATP D . 17.60 22.57 -7.28
C4 ATP D . 17.21 22.94 -6.06
MG MG E . 15.26 28.84 2.10
PG ATP F . -0.55 31.51 13.88
O1G ATP F . -0.53 31.08 12.46
O2G ATP F . -0.47 33.02 14.07
O3G ATP F . 0.51 30.84 14.75
PB ATP F . -3.47 31.21 14.27
O1B ATP F . -4.03 32.50 14.70
O2B ATP F . -3.66 30.87 12.80
O3B ATP F . -1.93 31.12 14.55
PA ATP F . -4.92 28.71 14.82
O1A ATP F . -4.20 27.74 13.98
O2A ATP F . -6.25 29.20 14.26
O3A ATP F . -4.04 29.98 15.11
O5' ATP F . -5.18 28.14 16.27
C5' ATP F . -6.51 27.73 16.68
C4' ATP F . -6.43 27.09 18.05
O4' ATP F . -6.95 25.75 17.98
C3' ATP F . -5.02 26.93 18.62
O3' ATP F . -5.05 26.92 20.03
C2' ATP F . -4.59 25.58 18.05
O2' ATP F . -3.65 24.93 18.89
C1' ATP F . -5.91 24.80 18.02
N9 ATP F . -6.05 23.91 16.88
C8 ATP F . -5.58 24.11 15.61
N7 ATP F . -5.85 23.14 14.77
C5 ATP F . -6.56 22.23 15.55
C6 ATP F . -7.15 20.99 15.26
N6 ATP F . -7.11 20.41 14.05
N1 ATP F . -7.79 20.35 16.25
C2 ATP F . -7.84 20.91 17.46
N3 ATP F . -7.33 22.09 17.85
C4 ATP F . -6.70 22.69 16.85
MG MG G . -2.19 30.45 11.28
#